data_6K6T
#
_entry.id   6K6T
#
_cell.length_a   73.450
_cell.length_b   42.540
_cell.length_c   155.040
_cell.angle_alpha   90.000
_cell.angle_beta   94.650
_cell.angle_gamma   90.000
#
_symmetry.space_group_name_H-M   'P 1 21 1'
#
loop_
_entity.id
_entity.type
_entity.pdbx_description
1 polymer 'EAL domain protein'
2 non-polymer 9-[(1R,6R,8R,9S,10R,15S,17R,18S)-3,9,12,18-tetrakis(oxidanyl)-3,12-bis(oxidanylidene)-17-(6-oxidanylidene-3H-purin-9-yl)-2,4,7,11,13,16-hexaoxa-3$l^{5},12$l^{5}-diphosphatricyclo[13.3.0.0^{6,10}]octadecan-8-yl]-3H-purin-6-one
3 non-polymer 'CALCIUM ION'
4 water water
#
_entity_poly.entity_id   1
_entity_poly.type   'polypeptide(L)'
_entity_poly.pdbx_seq_one_letter_code
;MHIIPVASDPKTCSSGVNENSLDFDFTMAFQPIVNCRTKEIFGYEALVRGLNNESAYSVISRVNEDNRYLFDQMCRVKAI
ALAAKLGLTSKLSINFLPNAIYVPERCIRTTLEAAKRYQFPIENIMFEFTEAERVEDVNHIKRIVEYYKSLGFQTAIDDF
GSGYSGLNLLADFQTNIVKVDMGLIRNIHADQVRQSIMKNCLKLFSDLNIQPLAEGVESHAEFAWLKAAGVELMQGYYFA
KPGFESLPSVNPEFSEA
;
_entity_poly.pdbx_strand_id   A,B,C,D
#
loop_
_chem_comp.id
_chem_comp.type
_chem_comp.name
_chem_comp.formula
C2I non-polymer 9-[(1R,6R,8R,9S,10R,15S,17R,18S)-3,9,12,18-tetrakis(oxidanyl)-3,12-bis(oxidanylidene)-17-(6-oxidanylidene-3H-purin-9-yl)-2,4,7,11,13,16-hexaoxa-3$l^{5},12$l^{5}-diphosphatricyclo[13.3.0.0^{6,10}]octadecan-8-yl]-3H-purin-6-one 'C20 H22 N8 O14 P2'
CA non-polymer 'CALCIUM ION' 'Ca 2'
#
# COMPACT_ATOMS: atom_id res chain seq x y z
CA SER A 21 6.54 33.56 27.88
C SER A 21 7.80 33.31 27.05
N LEU A 22 7.66 33.47 25.73
CA LEU A 22 8.72 33.21 24.76
C LEU A 22 9.60 34.45 24.61
N ASP A 23 10.65 34.34 23.80
CA ASP A 23 11.63 35.39 23.62
C ASP A 23 11.54 36.08 22.27
N PHE A 24 11.11 35.37 21.23
CA PHE A 24 10.98 35.88 19.87
C PHE A 24 9.63 35.42 19.33
N ASP A 25 9.17 36.05 18.25
CA ASP A 25 7.90 35.67 17.67
C ASP A 25 8.09 35.18 16.24
N PHE A 26 7.07 34.48 15.74
CA PHE A 26 7.08 33.86 14.43
C PHE A 26 5.63 33.55 14.10
N THR A 27 5.38 33.20 12.83
CA THR A 27 4.05 32.79 12.40
C THR A 27 4.24 31.56 11.48
N MET A 28 3.20 31.18 10.74
CA MET A 28 3.22 29.94 9.97
C MET A 28 2.98 30.17 8.48
N ALA A 29 3.60 29.34 7.65
CA ALA A 29 3.20 29.18 6.27
C ALA A 29 2.56 27.80 6.14
N PHE A 30 1.81 27.61 5.06
CA PHE A 30 1.06 26.39 4.86
C PHE A 30 1.28 25.88 3.44
N GLN A 31 1.49 24.56 3.30
CA GLN A 31 1.70 23.96 1.97
C GLN A 31 0.72 22.83 1.75
N PRO A 32 -0.04 22.86 0.66
CA PRO A 32 -1.07 21.83 0.45
C PRO A 32 -0.48 20.47 0.16
N ILE A 33 -1.19 19.45 0.66
CA ILE A 33 -1.03 18.05 0.29
C ILE A 33 -2.22 17.68 -0.61
N VAL A 34 -1.95 17.11 -1.78
CA VAL A 34 -2.99 16.81 -2.75
C VAL A 34 -3.17 15.30 -2.78
N ASN A 35 -4.40 14.85 -2.93
CA ASN A 35 -4.69 13.45 -3.19
C ASN A 35 -4.96 13.36 -4.67
N CYS A 36 -4.00 12.78 -5.41
CA CYS A 36 -4.04 12.78 -6.86
C CYS A 36 -5.05 11.79 -7.39
N ARG A 37 -5.47 10.84 -6.57
CA ARG A 37 -6.57 9.95 -6.95
C ARG A 37 -7.88 10.70 -6.95
N THR A 38 -8.25 11.28 -5.81
CA THR A 38 -9.49 12.03 -5.70
C THR A 38 -9.37 13.44 -6.26
N LYS A 39 -8.16 13.91 -6.54
CA LYS A 39 -7.90 15.25 -7.03
C LYS A 39 -8.37 16.34 -6.05
N GLU A 40 -8.56 15.94 -4.79
CA GLU A 40 -8.95 16.80 -3.69
C GLU A 40 -7.74 17.20 -2.84
N ILE A 41 -7.93 18.22 -1.99
CA ILE A 41 -6.90 18.61 -1.02
C ILE A 41 -6.99 17.71 0.20
N PHE A 42 -5.86 17.08 0.56
CA PHE A 42 -5.82 16.31 1.78
C PHE A 42 -5.73 17.20 3.01
N GLY A 43 -5.01 18.30 2.91
CA GLY A 43 -4.68 19.10 4.07
C GLY A 43 -3.53 20.03 3.74
N TYR A 44 -2.95 20.59 4.79
CA TYR A 44 -1.79 21.46 4.66
C TYR A 44 -0.82 21.14 5.78
N GLU A 45 0.47 21.19 5.45
CA GLU A 45 1.52 21.15 6.44
C GLU A 45 1.80 22.56 6.92
N ALA A 46 1.90 22.74 8.23
CA ALA A 46 2.34 24.00 8.79
C ALA A 46 3.86 24.12 8.80
N LEU A 47 4.37 25.27 8.38
CA LEU A 47 5.80 25.50 8.25
C LEU A 47 6.17 26.85 8.83
N VAL A 48 7.12 26.87 9.77
CA VAL A 48 7.44 28.09 10.50
C VAL A 48 8.10 29.10 9.57
N ARG A 49 7.79 30.36 9.83
CA ARG A 49 8.34 31.50 9.11
C ARG A 49 8.57 32.61 10.11
N GLY A 50 9.55 33.46 9.82
CA GLY A 50 9.71 34.67 10.61
C GLY A 50 8.50 35.58 10.43
N LEU A 51 8.44 36.59 11.31
CA LEU A 51 7.30 37.50 11.27
C LEU A 51 7.20 38.26 9.95
N ASN A 52 8.32 38.35 9.22
CA ASN A 52 8.38 38.89 7.86
C ASN A 52 8.75 37.82 6.84
N ASN A 53 8.16 36.63 6.98
CA ASN A 53 8.35 35.54 6.04
C ASN A 53 9.81 35.12 5.93
N GLU A 54 10.57 35.26 7.01
CA GLU A 54 11.91 34.69 7.01
C GLU A 54 11.84 33.16 7.01
N SER A 55 12.96 32.53 6.72
CA SER A 55 12.98 31.09 6.51
C SER A 55 12.68 30.36 7.82
N ALA A 56 12.27 29.10 7.67
CA ALA A 56 12.05 28.27 8.85
C ALA A 56 13.36 28.07 9.62
N TYR A 57 14.45 27.76 8.91
CA TYR A 57 15.72 27.50 9.57
C TYR A 57 16.19 28.72 10.36
N SER A 58 16.02 29.92 9.81
CA SER A 58 16.38 31.12 10.56
C SER A 58 15.60 31.20 11.88
N VAL A 59 14.32 30.81 11.87
CA VAL A 59 13.54 30.85 13.11
C VAL A 59 13.97 29.72 14.04
N ILE A 60 14.07 28.50 13.50
CA ILE A 60 14.31 27.32 14.33
C ILE A 60 15.69 27.34 14.97
N SER A 61 16.68 27.94 14.29
CA SER A 61 18.00 28.05 14.88
C SER A 61 18.03 28.92 16.13
N ARG A 62 16.96 29.68 16.40
CA ARG A 62 16.86 30.47 17.62
C ARG A 62 16.45 29.63 18.82
N VAL A 63 16.07 28.38 18.61
CA VAL A 63 15.60 27.48 19.67
C VAL A 63 16.79 26.80 20.32
N ASN A 64 16.94 26.96 21.64
CA ASN A 64 17.94 26.23 22.42
C ASN A 64 17.18 25.22 23.28
N GLU A 65 17.80 24.75 24.38
CA GLU A 65 17.10 23.72 25.14
C GLU A 65 16.06 24.30 26.10
N ASP A 66 16.28 25.50 26.64
CA ASP A 66 15.20 26.08 27.42
C ASP A 66 14.08 26.62 26.54
N ASN A 67 14.26 26.60 25.21
CA ASN A 67 13.24 27.05 24.29
C ASN A 67 12.34 25.92 23.81
N ARG A 68 12.89 24.71 23.80
CA ARG A 68 12.30 23.56 23.13
C ARG A 68 10.82 23.42 23.44
N TYR A 69 10.48 23.32 24.73
CA TYR A 69 9.10 23.11 25.14
C TYR A 69 8.22 24.27 24.70
N LEU A 70 8.56 25.49 25.11
CA LEU A 70 7.69 26.62 24.84
C LEU A 70 7.57 26.90 23.35
N PHE A 71 8.69 26.78 22.61
CA PHE A 71 8.63 26.97 21.15
C PHE A 71 7.78 25.89 20.50
N ASP A 72 7.91 24.66 20.98
CA ASP A 72 7.10 23.55 20.47
C ASP A 72 5.62 23.82 20.69
N GLN A 73 5.28 24.38 21.85
CA GLN A 73 3.90 24.75 22.13
C GLN A 73 3.44 25.88 21.24
N MET A 74 4.21 26.97 21.21
CA MET A 74 3.87 28.12 20.38
C MET A 74 3.61 27.68 18.95
N CYS A 75 4.44 26.77 18.45
CA CYS A 75 4.24 26.24 17.10
C CYS A 75 2.87 25.63 16.93
N ARG A 76 2.50 24.73 17.84
CA ARG A 76 1.25 24.02 17.68
C ARG A 76 0.07 24.97 17.73
N VAL A 77 0.06 25.89 18.68
CA VAL A 77 -1.11 26.76 18.83
C VAL A 77 -1.20 27.73 17.65
N LYS A 78 -0.07 28.31 17.25
CA LYS A 78 -0.11 29.24 16.13
C LYS A 78 -0.63 28.53 14.88
N ALA A 79 -0.21 27.29 14.66
CA ALA A 79 -0.67 26.56 13.49
C ALA A 79 -2.16 26.30 13.59
N ILE A 80 -2.63 25.87 14.76
CA ILE A 80 -4.05 25.61 14.91
C ILE A 80 -4.87 26.91 14.84
N ALA A 81 -4.42 27.97 15.53
CA ALA A 81 -5.19 29.21 15.54
C ALA A 81 -5.25 29.85 14.17
N LEU A 82 -4.12 29.87 13.45
CA LEU A 82 -4.07 30.48 12.12
C LEU A 82 -4.79 29.64 11.08
N ALA A 83 -4.67 28.32 11.15
CA ALA A 83 -5.45 27.49 10.23
C ALA A 83 -6.93 27.74 10.43
N ALA A 84 -7.34 27.89 11.70
CA ALA A 84 -8.72 28.22 12.02
C ALA A 84 -9.09 29.57 11.45
N LYS A 85 -8.23 30.55 11.63
CA LYS A 85 -8.46 31.88 11.11
C LYS A 85 -8.62 31.87 9.62
N LEU A 86 -7.83 31.06 8.93
CA LEU A 86 -7.85 30.99 7.49
C LEU A 86 -9.01 30.15 6.98
N GLY A 87 -9.74 29.49 7.88
CA GLY A 87 -10.87 28.66 7.51
C GLY A 87 -10.52 27.27 7.00
N LEU A 88 -9.40 26.68 7.47
CA LEU A 88 -8.98 25.38 6.95
C LEU A 88 -9.98 24.29 7.31
N THR A 89 -10.46 23.56 6.29
CA THR A 89 -11.42 22.51 6.54
C THR A 89 -10.91 21.10 6.31
N SER A 90 -9.69 20.91 5.78
CA SER A 90 -9.07 19.58 5.69
C SER A 90 -8.04 19.39 6.82
N LYS A 91 -7.06 18.50 6.63
CA LYS A 91 -6.20 18.16 7.75
C LYS A 91 -5.11 19.20 7.93
N LEU A 92 -4.63 19.30 9.17
CA LEU A 92 -3.51 20.16 9.54
C LEU A 92 -2.36 19.28 10.00
N SER A 93 -1.21 19.40 9.35
CA SER A 93 -0.05 18.55 9.64
C SER A 93 1.01 19.41 10.30
N ILE A 94 1.43 19.01 11.48
CA ILE A 94 2.32 19.80 12.31
C ILE A 94 3.60 19.01 12.53
N ASN A 95 4.75 19.65 12.33
CA ASN A 95 6.03 19.01 12.57
C ASN A 95 6.31 18.91 14.06
N PHE A 96 6.48 17.68 14.51
CA PHE A 96 6.91 17.41 15.87
C PHE A 96 8.40 17.68 15.96
N LEU A 97 8.78 18.63 16.82
CA LEU A 97 10.17 18.99 16.97
C LEU A 97 10.98 17.76 17.35
N PRO A 98 12.02 17.40 16.58
CA PRO A 98 12.68 16.09 16.79
C PRO A 98 13.33 15.99 18.16
N ASN A 99 13.81 17.09 18.72
CA ASN A 99 14.35 17.19 20.07
C ASN A 99 13.31 17.65 21.05
N ALA A 100 12.08 17.16 20.95
CA ALA A 100 11.06 17.46 21.97
C ALA A 100 11.13 16.47 23.13
N ILE A 101 12.30 16.53 23.78
CA ILE A 101 12.76 15.80 24.96
C ILE A 101 11.93 14.58 25.34
N TYR A 102 11.86 14.32 26.64
CA TYR A 102 11.04 13.30 27.27
C TYR A 102 9.78 13.93 27.87
N VAL A 103 9.15 14.87 27.17
CA VAL A 103 7.91 15.50 27.65
C VAL A 103 6.87 14.45 28.04
N PRO A 104 6.30 14.57 29.24
CA PRO A 104 5.24 13.65 29.67
C PRO A 104 3.97 13.76 28.84
N GLU A 105 3.16 12.69 28.91
CA GLU A 105 1.95 12.64 28.10
C GLU A 105 0.87 13.61 28.58
N ARG A 106 1.18 14.61 29.41
CA ARG A 106 0.20 15.60 29.82
C ARG A 106 0.54 17.00 29.33
N CYS A 107 1.70 17.18 28.69
CA CYS A 107 1.92 18.44 28.01
C CYS A 107 1.12 18.53 26.72
N ILE A 108 0.50 17.42 26.30
CA ILE A 108 -0.44 17.40 25.18
C ILE A 108 -1.71 18.16 25.49
N ARG A 109 -1.88 18.59 26.74
CA ARG A 109 -3.10 19.29 27.13
C ARG A 109 -3.26 20.59 26.34
N THR A 110 -2.20 21.41 26.31
CA THR A 110 -2.21 22.64 25.52
C THR A 110 -2.66 22.40 24.09
N THR A 111 -2.23 21.29 23.49
CA THR A 111 -2.66 20.98 22.12
C THR A 111 -4.15 20.72 22.08
N LEU A 112 -4.63 19.85 22.95
CA LEU A 112 -6.04 19.49 22.95
C LEU A 112 -6.90 20.72 23.23
N GLU A 113 -6.44 21.58 24.14
CA GLU A 113 -7.23 22.77 24.46
C GLU A 113 -7.28 23.73 23.29
N ALA A 114 -6.16 23.95 22.60
CA ALA A 114 -6.20 24.83 21.44
C ALA A 114 -7.12 24.29 20.36
N ALA A 115 -7.07 22.97 20.12
CA ALA A 115 -7.96 22.35 19.14
C ALA A 115 -9.43 22.57 19.50
N LYS A 116 -9.78 22.37 20.78
CA LYS A 116 -11.15 22.59 21.23
C LYS A 116 -11.59 24.04 21.12
N ARG A 117 -10.79 24.97 21.65
CA ARG A 117 -11.24 26.37 21.64
C ARG A 117 -11.44 26.87 20.21
N TYR A 118 -10.65 26.34 19.29
CA TYR A 118 -10.71 26.78 17.90
C TYR A 118 -11.57 25.85 17.07
N GLN A 119 -12.26 24.91 17.71
CA GLN A 119 -13.17 24.00 17.04
C GLN A 119 -12.47 23.25 15.92
N PHE A 120 -11.26 22.79 16.20
CA PHE A 120 -10.50 22.03 15.22
C PHE A 120 -10.50 20.58 15.67
N PRO A 121 -11.18 19.68 14.96
CA PRO A 121 -11.25 18.29 15.42
C PRO A 121 -9.87 17.68 15.51
N ILE A 122 -9.64 16.93 16.60
CA ILE A 122 -8.35 16.29 16.81
C ILE A 122 -8.03 15.33 15.69
N GLU A 123 -9.04 14.65 15.14
CA GLU A 123 -8.76 13.70 14.06
C GLU A 123 -8.30 14.38 12.77
N ASN A 124 -8.42 15.70 12.67
CA ASN A 124 -7.93 16.41 11.51
C ASN A 124 -6.54 16.98 11.74
N ILE A 125 -5.88 16.61 12.83
CA ILE A 125 -4.52 17.07 13.12
C ILE A 125 -3.56 15.88 13.04
N MET A 126 -2.54 16.00 12.18
CA MET A 126 -1.49 15.00 11.99
C MET A 126 -0.16 15.54 12.49
N PHE A 127 0.56 14.70 13.20
CA PHE A 127 1.91 15.03 13.67
C PHE A 127 2.96 14.25 12.87
N GLU A 128 4.00 14.97 12.45
CA GLU A 128 5.09 14.42 11.65
C GLU A 128 6.34 14.22 12.51
N PHE A 129 6.84 12.99 12.56
CA PHE A 129 7.97 12.60 13.39
C PHE A 129 9.21 12.31 12.53
N THR A 130 10.36 12.86 12.92
CA THR A 130 11.66 12.56 12.35
C THR A 130 12.60 12.09 13.45
N GLU A 131 13.56 11.22 13.10
CA GLU A 131 14.44 10.63 14.11
C GLU A 131 15.48 11.61 14.65
N ALA A 132 16.18 12.35 13.78
CA ALA A 132 17.23 13.30 14.19
C ALA A 132 18.49 12.64 14.78
N GLU A 133 18.56 12.50 16.11
CA GLU A 133 19.72 11.91 16.78
C GLU A 133 19.31 10.76 17.70
N ARG A 134 20.33 10.10 18.24
CA ARG A 134 20.26 8.89 19.06
C ARG A 134 19.45 7.82 18.37
N VAL A 135 20.11 6.82 17.80
CA VAL A 135 19.41 5.86 16.95
C VAL A 135 18.62 4.80 17.72
N GLU A 136 18.89 4.58 19.01
CA GLU A 136 18.28 3.45 19.71
C GLU A 136 17.22 3.79 20.75
N ASP A 137 16.89 5.05 21.00
CA ASP A 137 15.71 5.25 21.83
C ASP A 137 14.48 5.42 20.95
N VAL A 138 14.29 4.40 20.11
CA VAL A 138 13.12 4.31 19.25
C VAL A 138 11.92 3.84 20.06
N ASN A 139 12.16 3.26 21.25
CA ASN A 139 11.06 2.90 22.13
C ASN A 139 10.39 4.14 22.70
N HIS A 140 11.11 5.27 22.74
CA HIS A 140 10.54 6.52 23.22
C HIS A 140 9.63 7.16 22.19
N ILE A 141 10.07 7.21 20.94
CA ILE A 141 9.19 7.77 19.91
C ILE A 141 7.98 6.87 19.71
N LYS A 142 8.12 5.57 19.97
CA LYS A 142 6.97 4.67 19.89
C LYS A 142 5.92 5.01 20.94
N ARG A 143 6.35 5.29 22.17
CA ARG A 143 5.40 5.64 23.22
C ARG A 143 4.65 6.92 22.88
N ILE A 144 5.34 7.89 22.31
CA ILE A 144 4.70 9.15 21.94
C ILE A 144 3.73 8.94 20.80
N VAL A 145 4.14 8.18 19.79
CA VAL A 145 3.28 7.96 18.63
C VAL A 145 2.03 7.20 19.05
N GLU A 146 2.21 6.11 19.80
CA GLU A 146 1.04 5.32 20.20
C GLU A 146 0.13 6.09 21.14
N TYR A 147 0.71 6.96 21.95
CA TYR A 147 -0.11 7.79 22.81
C TYR A 147 -0.96 8.76 22.01
N TYR A 148 -0.34 9.48 21.08
CA TYR A 148 -1.09 10.39 20.22
C TYR A 148 -2.14 9.67 19.39
N LYS A 149 -1.82 8.48 18.88
CA LYS A 149 -2.82 7.74 18.12
C LYS A 149 -4.04 7.45 18.97
N SER A 150 -3.82 7.11 20.25
CA SER A 150 -4.91 6.76 21.14
C SER A 150 -5.83 7.94 21.41
N LEU A 151 -5.33 9.17 21.30
CA LEU A 151 -6.17 10.34 21.44
C LEU A 151 -6.93 10.70 20.17
N GLY A 152 -6.58 10.08 19.03
CA GLY A 152 -7.25 10.30 17.76
C GLY A 152 -6.47 11.09 16.74
N PHE A 153 -5.27 11.59 17.08
CA PHE A 153 -4.45 12.32 16.13
C PHE A 153 -4.02 11.41 14.98
N GLN A 154 -3.83 12.01 13.81
CA GLN A 154 -3.13 11.31 12.75
C GLN A 154 -1.62 11.43 12.97
N THR A 155 -0.89 10.43 12.51
CA THR A 155 0.58 10.41 12.67
C THR A 155 1.25 10.08 11.35
N ALA A 156 2.44 10.63 11.19
CA ALA A 156 3.23 10.39 9.99
C ALA A 156 4.71 10.27 10.35
N ILE A 157 5.44 9.41 9.63
CA ILE A 157 6.90 9.45 9.60
C ILE A 157 7.34 10.41 8.51
N ASP A 158 8.13 11.40 8.88
CA ASP A 158 8.60 12.42 7.97
C ASP A 158 10.00 12.04 7.48
N ASP A 159 10.37 12.54 6.31
CA ASP A 159 11.74 12.40 5.78
C ASP A 159 12.18 10.94 5.63
N PHE A 160 11.24 10.02 5.38
CA PHE A 160 11.59 8.60 5.31
C PHE A 160 12.57 8.34 4.18
N GLY A 161 13.67 7.67 4.52
CA GLY A 161 14.67 7.32 3.53
C GLY A 161 15.76 8.36 3.36
N SER A 162 15.94 9.25 4.32
CA SER A 162 17.04 10.21 4.29
C SER A 162 18.07 9.76 5.32
N GLY A 163 18.62 10.64 6.12
CA GLY A 163 19.70 10.23 6.99
C GLY A 163 19.18 9.54 8.23
N TYR A 164 18.20 10.15 8.87
CA TYR A 164 17.82 9.77 10.22
C TYR A 164 16.64 8.81 10.25
N SER A 165 15.50 9.19 9.69
CA SER A 165 14.30 8.39 9.80
C SER A 165 14.29 7.29 8.74
N GLY A 166 14.24 6.05 9.19
CA GLY A 166 14.28 4.93 8.28
C GLY A 166 13.52 3.72 8.73
N LEU A 167 13.96 2.57 8.20
CA LEU A 167 13.26 1.31 8.40
C LEU A 167 13.17 0.92 9.87
N ASN A 168 14.16 1.32 10.67
CA ASN A 168 14.13 1.01 12.10
C ASN A 168 12.90 1.56 12.77
N LEU A 169 12.38 2.70 12.29
CA LEU A 169 11.15 3.23 12.87
C LEU A 169 9.97 2.34 12.51
N LEU A 170 9.86 1.98 11.22
CA LEU A 170 8.74 1.15 10.80
C LEU A 170 8.75 -0.22 11.49
N ALA A 171 9.92 -0.72 11.89
CA ALA A 171 10.00 -2.07 12.48
C ALA A 171 9.29 -2.14 13.83
N ASP A 172 9.37 -1.08 14.64
CA ASP A 172 8.77 -1.12 15.97
C ASP A 172 7.43 -0.40 16.06
N PHE A 173 7.09 0.47 15.13
CA PHE A 173 5.75 1.07 15.16
C PHE A 173 5.39 1.59 13.79
N GLN A 174 4.08 1.67 13.55
CA GLN A 174 3.53 2.05 12.27
C GLN A 174 2.65 3.28 12.47
N THR A 175 2.87 4.29 11.65
CA THR A 175 2.08 5.50 11.66
C THR A 175 0.99 5.39 10.59
N ASN A 176 0.11 6.39 10.57
CA ASN A 176 -0.90 6.44 9.51
C ASN A 176 -0.26 6.67 8.15
N ILE A 177 0.76 7.52 8.10
CA ILE A 177 1.34 7.93 6.84
C ILE A 177 2.86 7.83 6.95
N VAL A 178 3.51 7.59 5.82
CA VAL A 178 4.96 7.71 5.72
C VAL A 178 5.21 8.70 4.60
N LYS A 179 5.93 9.77 4.91
CA LYS A 179 6.29 10.77 3.92
C LYS A 179 7.68 10.42 3.35
N VAL A 180 7.71 10.01 2.09
CA VAL A 180 8.97 9.59 1.48
C VAL A 180 9.82 10.82 1.20
N ASP A 181 11.05 10.81 1.70
CA ASP A 181 11.95 11.95 1.55
C ASP A 181 12.12 12.34 0.07
N MET A 182 12.23 13.63 -0.17
CA MET A 182 12.23 14.13 -1.54
C MET A 182 13.52 13.78 -2.27
N GLY A 183 14.62 13.52 -1.56
CA GLY A 183 15.80 13.00 -2.23
C GLY A 183 15.53 11.73 -3.01
N LEU A 184 14.61 10.89 -2.52
CA LEU A 184 14.21 9.65 -3.20
C LEU A 184 13.26 9.87 -4.37
N ILE A 185 12.58 11.01 -4.38
CA ILE A 185 11.59 11.32 -5.41
C ILE A 185 12.26 12.04 -6.56
N ARG A 186 13.31 12.81 -6.28
CA ARG A 186 13.89 13.69 -7.26
C ARG A 186 14.27 12.89 -8.51
N ASN A 187 13.76 13.32 -9.67
CA ASN A 187 14.09 12.72 -10.97
C ASN A 187 13.71 11.25 -11.07
N ILE A 188 12.74 10.79 -10.27
CA ILE A 188 12.42 9.37 -10.17
C ILE A 188 11.90 8.82 -11.51
N HIS A 189 11.36 9.68 -12.37
CA HIS A 189 10.89 9.21 -13.67
C HIS A 189 12.03 8.64 -14.54
N ALA A 190 13.29 9.04 -14.30
CA ALA A 190 14.44 8.58 -15.09
C ALA A 190 15.52 7.83 -14.28
N ASP A 191 15.28 7.52 -13.01
CA ASP A 191 16.32 7.00 -12.12
C ASP A 191 15.92 5.59 -11.68
N GLN A 192 16.47 4.58 -12.36
CA GLN A 192 16.03 3.21 -12.11
C GLN A 192 16.37 2.73 -10.70
N VAL A 193 17.42 3.27 -10.08
CA VAL A 193 17.65 2.93 -8.68
C VAL A 193 16.50 3.47 -7.81
N ARG A 194 16.18 4.77 -7.96
CA ARG A 194 15.07 5.36 -7.24
C ARG A 194 13.74 4.70 -7.58
N GLN A 195 13.55 4.33 -8.87
CA GLN A 195 12.32 3.61 -9.24
C GLN A 195 12.22 2.31 -8.47
N SER A 196 13.36 1.61 -8.33
CA SER A 196 13.37 0.35 -7.60
C SER A 196 13.09 0.55 -6.12
N ILE A 197 13.72 1.55 -5.50
CA ILE A 197 13.47 1.83 -4.09
C ILE A 197 11.98 2.11 -3.85
N MET A 198 11.38 2.99 -4.66
CA MET A 198 9.99 3.37 -4.41
C MET A 198 9.03 2.19 -4.60
N LYS A 199 9.24 1.42 -5.64
CA LYS A 199 8.45 0.26 -5.96
C LYS A 199 8.39 -0.74 -4.82
N ASN A 200 9.55 -1.05 -4.29
CA ASN A 200 9.64 -2.00 -3.19
C ASN A 200 9.18 -1.36 -1.86
N CYS A 201 9.34 -0.03 -1.71
CA CYS A 201 8.82 0.63 -0.50
C CYS A 201 7.30 0.80 -0.54
N LEU A 202 6.73 1.07 -1.72
CA LEU A 202 5.28 1.12 -1.81
C LEU A 202 4.67 -0.23 -1.41
N LYS A 203 5.22 -1.33 -1.91
CA LYS A 203 4.70 -2.65 -1.54
C LYS A 203 4.89 -2.91 -0.05
N LEU A 204 6.01 -2.48 0.53
CA LEU A 204 6.17 -2.56 1.99
C LEU A 204 5.10 -1.74 2.71
N PHE A 205 4.92 -0.47 2.32
CA PHE A 205 3.94 0.38 2.99
C PHE A 205 2.57 -0.25 2.94
N SER A 206 2.21 -0.77 1.78
CA SER A 206 0.93 -1.42 1.61
C SER A 206 0.79 -2.63 2.51
N ASP A 207 1.86 -3.45 2.61
CA ASP A 207 1.84 -4.58 3.53
C ASP A 207 1.61 -4.14 4.97
N LEU A 208 2.11 -2.97 5.33
CA LEU A 208 1.91 -2.48 6.68
C LEU A 208 0.66 -1.61 6.79
N ASN A 209 -0.16 -1.57 5.74
CA ASN A 209 -1.29 -0.65 5.60
C ASN A 209 -0.90 0.74 6.08
N ILE A 210 0.12 1.28 5.45
CA ILE A 210 0.53 2.65 5.69
C ILE A 210 0.27 3.43 4.41
N GLN A 211 -0.29 4.63 4.56
CA GLN A 211 -0.52 5.44 3.39
C GLN A 211 0.75 6.19 3.06
N PRO A 212 1.29 6.05 1.85
CA PRO A 212 2.49 6.81 1.50
C PRO A 212 2.14 8.22 1.01
N LEU A 213 3.10 9.11 1.19
CA LEU A 213 3.04 10.47 0.69
C LEU A 213 4.38 10.80 0.05
N ALA A 214 4.36 11.16 -1.23
CA ALA A 214 5.57 11.57 -1.93
C ALA A 214 5.76 13.07 -1.74
N GLU A 215 6.89 13.43 -1.16
CA GLU A 215 7.21 14.79 -0.78
C GLU A 215 8.16 15.43 -1.81
N GLY A 216 8.10 16.76 -1.92
CA GLY A 216 9.04 17.45 -2.79
C GLY A 216 8.87 17.25 -4.28
N VAL A 217 7.66 16.92 -4.74
CA VAL A 217 7.42 16.74 -6.16
C VAL A 217 7.55 18.07 -6.87
N GLU A 218 8.45 18.15 -7.87
CA GLU A 218 8.79 19.40 -8.52
C GLU A 218 8.42 19.49 -9.98
N SER A 219 8.20 18.36 -10.67
CA SER A 219 7.96 18.37 -12.10
C SER A 219 6.78 17.47 -12.42
N HIS A 220 6.15 17.76 -13.56
CA HIS A 220 5.14 16.86 -14.10
C HIS A 220 5.70 15.46 -14.29
N ALA A 221 6.95 15.34 -14.76
CA ALA A 221 7.56 14.03 -15.01
C ALA A 221 7.63 13.18 -13.74
N GLU A 222 8.10 13.75 -12.64
CA GLU A 222 8.09 13.04 -11.36
C GLU A 222 6.67 12.68 -10.94
N PHE A 223 5.76 13.66 -10.97
CA PHE A 223 4.38 13.41 -10.55
C PHE A 223 3.75 12.29 -11.36
N ALA A 224 3.99 12.30 -12.68
CA ALA A 224 3.38 11.28 -13.52
C ALA A 224 3.87 9.89 -13.17
N TRP A 225 5.17 9.74 -12.92
CA TRP A 225 5.69 8.42 -12.55
C TRP A 225 5.18 7.98 -11.18
N LEU A 226 5.24 8.86 -10.19
CA LEU A 226 4.73 8.47 -8.87
C LEU A 226 3.26 8.09 -8.95
N LYS A 227 2.48 8.82 -9.76
CA LYS A 227 1.07 8.51 -9.89
C LYS A 227 0.84 7.18 -10.59
N ALA A 228 1.59 6.89 -11.67
CA ALA A 228 1.50 5.57 -12.29
C ALA A 228 1.96 4.48 -11.34
N ALA A 229 2.88 4.81 -10.43
CA ALA A 229 3.34 3.84 -9.45
C ALA A 229 2.34 3.61 -8.31
N GLY A 230 1.24 4.35 -8.25
CA GLY A 230 0.23 4.09 -7.23
C GLY A 230 0.19 5.12 -6.11
N VAL A 231 1.07 6.12 -6.13
CA VAL A 231 1.07 7.13 -5.08
C VAL A 231 -0.11 8.05 -5.29
N GLU A 232 -0.84 8.31 -4.22
CA GLU A 232 -1.97 9.23 -4.23
C GLU A 232 -1.61 10.58 -3.63
N LEU A 233 -1.21 10.60 -2.35
CA LEU A 233 -0.90 11.85 -1.66
C LEU A 233 0.48 12.33 -2.06
N MET A 234 0.57 13.59 -2.50
CA MET A 234 1.82 14.19 -2.91
C MET A 234 1.87 15.64 -2.39
N GLN A 235 3.10 16.16 -2.34
CA GLN A 235 3.37 17.50 -1.85
C GLN A 235 4.58 18.02 -2.60
N GLY A 236 4.59 19.32 -2.88
CA GLY A 236 5.78 19.92 -3.45
C GLY A 236 5.45 21.13 -4.31
N TYR A 237 6.55 21.77 -4.77
CA TYR A 237 6.45 23.01 -5.55
C TYR A 237 5.66 22.80 -6.84
N TYR A 238 5.68 21.58 -7.40
CA TYR A 238 4.86 21.33 -8.56
C TYR A 238 3.41 21.70 -8.30
N PHE A 239 2.91 21.39 -7.11
CA PHE A 239 1.52 21.75 -6.83
C PHE A 239 1.36 23.17 -6.31
N ALA A 240 2.21 23.58 -5.37
CA ALA A 240 2.15 24.90 -4.78
C ALA A 240 3.24 25.02 -3.74
N LYS A 241 3.97 26.12 -3.79
CA LYS A 241 4.85 26.55 -2.73
C LYS A 241 4.04 26.86 -1.47
N PRO A 242 4.67 26.88 -0.30
CA PRO A 242 3.94 27.26 0.90
C PRO A 242 3.46 28.71 0.82
N GLY A 243 2.30 28.96 1.43
CA GLY A 243 1.74 30.29 1.44
C GLY A 243 1.86 30.95 2.80
N PHE A 244 2.57 32.08 2.86
CA PHE A 244 2.76 32.79 4.11
C PHE A 244 1.43 33.19 4.69
N GLU A 245 1.13 32.67 5.88
CA GLU A 245 -0.11 32.98 6.58
C GLU A 245 -1.30 32.79 5.66
N SER A 246 -1.19 31.87 4.71
CA SER A 246 -2.24 31.66 3.72
C SER A 246 -2.28 30.19 3.33
N LEU A 247 -3.42 29.82 2.74
CA LEU A 247 -3.67 28.46 2.24
C LEU A 247 -3.62 28.52 0.73
N PRO A 248 -2.48 28.21 0.10
CA PRO A 248 -2.40 28.27 -1.37
C PRO A 248 -3.42 27.39 -2.05
N SER A 249 -3.77 27.77 -3.27
CA SER A 249 -4.54 26.90 -4.15
C SER A 249 -3.55 26.05 -4.92
N VAL A 250 -4.06 25.00 -5.55
CA VAL A 250 -3.20 24.04 -6.22
C VAL A 250 -3.32 24.20 -7.73
N ASN A 251 -2.16 24.14 -8.40
CA ASN A 251 -1.98 24.13 -9.85
C ASN A 251 -2.97 23.18 -10.52
N PRO A 252 -3.80 23.67 -11.45
CA PRO A 252 -4.77 22.76 -12.10
C PRO A 252 -4.12 21.76 -13.04
N GLU A 253 -2.81 21.88 -13.30
CA GLU A 253 -2.17 21.02 -14.30
C GLU A 253 -2.24 19.55 -13.91
N PHE A 254 -2.23 19.24 -12.62
CA PHE A 254 -2.22 17.83 -12.23
C PHE A 254 -3.64 17.25 -12.33
N SER A 255 -4.68 18.08 -12.18
CA SER A 255 -6.06 17.60 -12.14
C SER A 255 -6.53 17.13 -13.51
N GLU A 256 -5.72 17.36 -14.55
CA GLU A 256 -5.89 16.87 -15.91
C GLU A 256 -5.06 15.60 -16.13
N ALA A 257 -3.79 15.62 -15.73
CA ALA A 257 -2.84 14.56 -16.01
C ALA A 257 -2.80 13.50 -14.89
CA SER B 21 -33.79 -12.00 -16.77
C SER B 21 -34.93 -10.98 -16.66
N LEU B 22 -34.85 -9.90 -17.44
CA LEU B 22 -35.81 -8.80 -17.34
C LEU B 22 -36.41 -8.56 -18.72
N ASP B 23 -36.96 -7.37 -18.97
CA ASP B 23 -37.61 -7.08 -20.23
C ASP B 23 -36.85 -6.09 -21.10
N PHE B 24 -36.16 -5.13 -20.49
CA PHE B 24 -35.42 -4.09 -21.19
C PHE B 24 -34.11 -3.86 -20.46
N ASP B 25 -33.20 -3.14 -21.10
CA ASP B 25 -31.92 -2.80 -20.50
C ASP B 25 -31.83 -1.28 -20.37
N PHE B 26 -30.91 -0.82 -19.53
CA PHE B 26 -30.78 0.60 -19.23
C PHE B 26 -29.40 0.81 -18.62
N THR B 27 -29.02 2.08 -18.50
CA THR B 27 -27.78 2.43 -17.83
C THR B 27 -28.02 3.64 -16.93
N MET B 28 -26.93 4.20 -16.39
CA MET B 28 -27.01 5.23 -15.36
C MET B 28 -26.37 6.53 -15.80
N ALA B 29 -26.92 7.64 -15.34
CA ALA B 29 -26.23 8.92 -15.35
C ALA B 29 -25.84 9.28 -13.92
N PHE B 30 -24.90 10.20 -13.79
CA PHE B 30 -24.41 10.60 -12.49
C PHE B 30 -24.36 12.12 -12.40
N GLN B 31 -24.78 12.65 -11.26
CA GLN B 31 -24.79 14.08 -11.01
C GLN B 31 -24.03 14.33 -9.70
N PRO B 32 -23.04 15.21 -9.72
CA PRO B 32 -22.24 15.44 -8.52
C PRO B 32 -23.03 16.18 -7.44
N ILE B 33 -22.71 15.80 -6.20
CA ILE B 33 -23.08 16.52 -4.98
C ILE B 33 -21.84 17.25 -4.48
N VAL B 34 -21.97 18.54 -4.25
CA VAL B 34 -20.84 19.39 -3.90
C VAL B 34 -20.94 19.76 -2.43
N ASN B 35 -19.79 19.72 -1.74
CA ASN B 35 -19.66 20.22 -0.38
C ASN B 35 -19.04 21.61 -0.49
N CYS B 36 -19.86 22.66 -0.30
CA CYS B 36 -19.42 24.01 -0.59
C CYS B 36 -18.52 24.59 0.48
N ARG B 37 -18.53 24.03 1.69
CA ARG B 37 -17.58 24.46 2.71
C ARG B 37 -16.18 23.96 2.38
N THR B 38 -16.02 22.62 2.27
CA THR B 38 -14.71 22.06 1.99
C THR B 38 -14.34 22.23 0.54
N LYS B 39 -15.30 22.63 -0.30
CA LYS B 39 -15.11 22.77 -1.74
C LYS B 39 -14.75 21.43 -2.41
N GLU B 40 -15.07 20.31 -1.77
CA GLU B 40 -14.79 18.99 -2.29
C GLU B 40 -16.03 18.40 -2.96
N ILE B 41 -15.82 17.34 -3.76
CA ILE B 41 -16.96 16.58 -4.28
C ILE B 41 -17.35 15.60 -3.19
N PHE B 42 -18.60 15.68 -2.75
CA PHE B 42 -19.09 14.72 -1.76
C PHE B 42 -19.32 13.35 -2.38
N GLY B 43 -19.80 13.31 -3.61
CA GLY B 43 -20.25 12.07 -4.21
C GLY B 43 -21.13 12.36 -5.42
N TYR B 44 -21.80 11.31 -5.90
CA TYR B 44 -22.67 11.43 -7.07
C TYR B 44 -23.95 10.63 -6.86
N GLU B 45 -25.07 11.23 -7.27
CA GLU B 45 -26.32 10.47 -7.35
C GLU B 45 -26.40 9.78 -8.71
N ALA B 46 -26.72 8.49 -8.70
CA ALA B 46 -27.03 7.76 -9.90
C ALA B 46 -28.49 7.97 -10.28
N LEU B 47 -28.72 8.25 -11.56
CA LEU B 47 -30.03 8.56 -12.13
C LEU B 47 -30.19 7.69 -13.37
N VAL B 48 -31.28 6.91 -13.43
CA VAL B 48 -31.41 5.93 -14.51
C VAL B 48 -31.64 6.64 -15.82
N ARG B 49 -31.11 6.04 -16.87
CA ARG B 49 -31.26 6.52 -18.23
C ARG B 49 -31.48 5.32 -19.12
N GLY B 50 -32.26 5.52 -20.18
CA GLY B 50 -32.39 4.51 -21.20
C GLY B 50 -31.07 4.30 -21.91
N LEU B 51 -31.03 3.22 -22.68
CA LEU B 51 -29.78 2.84 -23.34
C LEU B 51 -29.29 3.93 -24.30
N ASN B 52 -30.20 4.79 -24.79
CA ASN B 52 -29.88 5.95 -25.62
C ASN B 52 -30.20 7.26 -24.91
N ASN B 53 -29.89 7.34 -23.61
CA ASN B 53 -30.06 8.56 -22.82
C ASN B 53 -31.51 9.06 -22.79
N GLU B 54 -32.48 8.15 -22.91
CA GLU B 54 -33.85 8.57 -22.69
C GLU B 54 -34.05 8.86 -21.20
N SER B 55 -35.17 9.50 -20.88
CA SER B 55 -35.40 10.07 -19.55
C SER B 55 -35.51 8.99 -18.48
N ALA B 56 -35.37 9.41 -17.23
CA ALA B 56 -35.59 8.49 -16.11
C ALA B 56 -37.03 8.00 -16.12
N TYR B 57 -37.98 8.91 -16.36
CA TYR B 57 -39.40 8.56 -16.36
C TYR B 57 -39.72 7.50 -17.41
N SER B 58 -39.21 7.68 -18.63
CA SER B 58 -39.42 6.67 -19.66
C SER B 58 -38.95 5.29 -19.21
N VAL B 59 -37.84 5.24 -18.47
CA VAL B 59 -37.36 3.96 -17.97
C VAL B 59 -38.25 3.47 -16.84
N ILE B 60 -38.61 4.36 -15.90
CA ILE B 60 -39.37 3.94 -14.71
C ILE B 60 -40.79 3.55 -15.10
N SER B 61 -41.36 4.20 -16.12
CA SER B 61 -42.70 3.83 -16.56
C SER B 61 -42.77 2.41 -17.11
N ARG B 62 -41.65 1.75 -17.38
CA ARG B 62 -41.72 0.34 -17.75
C ARG B 62 -41.80 -0.58 -16.54
N VAL B 63 -41.61 -0.05 -15.34
CA VAL B 63 -41.64 -0.86 -14.13
C VAL B 63 -43.09 -1.03 -13.70
N ASN B 64 -43.52 -2.27 -13.58
CA ASN B 64 -44.83 -2.62 -13.09
C ASN B 64 -44.66 -3.31 -11.73
N GLU B 65 -45.65 -4.11 -11.36
CA GLU B 65 -45.64 -4.77 -10.07
C GLU B 65 -44.76 -6.02 -10.07
N ASP B 66 -44.66 -6.70 -11.21
CA ASP B 66 -43.77 -7.85 -11.39
C ASP B 66 -42.32 -7.44 -11.63
N ASN B 67 -42.05 -6.16 -11.81
CA ASN B 67 -40.69 -5.68 -12.07
C ASN B 67 -39.95 -5.24 -10.82
N ARG B 68 -40.65 -4.86 -9.76
CA ARG B 68 -40.03 -4.14 -8.65
C ARG B 68 -38.71 -4.77 -8.22
N TYR B 69 -38.71 -6.07 -7.90
CA TYR B 69 -37.50 -6.72 -7.36
C TYR B 69 -36.34 -6.66 -8.35
N LEU B 70 -36.51 -7.27 -9.53
CA LEU B 70 -35.38 -7.38 -10.44
C LEU B 70 -34.89 -6.03 -10.93
N PHE B 71 -35.81 -5.10 -11.21
CA PHE B 71 -35.41 -3.76 -11.65
C PHE B 71 -34.65 -3.04 -10.54
N ASP B 72 -35.11 -3.19 -9.30
CA ASP B 72 -34.41 -2.56 -8.19
C ASP B 72 -32.99 -3.11 -8.05
N GLN B 73 -32.82 -4.42 -8.20
CA GLN B 73 -31.48 -5.02 -8.12
C GLN B 73 -30.62 -4.51 -9.25
N MET B 74 -31.14 -4.54 -10.47
CA MET B 74 -30.41 -4.06 -11.62
C MET B 74 -29.91 -2.64 -11.40
N CYS B 75 -30.76 -1.79 -10.83
CA CYS B 75 -30.38 -0.41 -10.55
C CYS B 75 -29.17 -0.34 -9.63
N ARG B 76 -29.21 -1.08 -8.53
CA ARG B 76 -28.10 -1.05 -7.59
C ARG B 76 -26.82 -1.59 -8.24
N VAL B 77 -26.92 -2.73 -8.94
CA VAL B 77 -25.71 -3.34 -9.49
C VAL B 77 -25.14 -2.48 -10.61
N LYS B 78 -25.99 -2.04 -11.56
CA LYS B 78 -25.48 -1.20 -12.64
C LYS B 78 -24.85 0.08 -12.12
N ALA B 79 -25.46 0.71 -11.11
CA ALA B 79 -24.89 1.96 -10.58
C ALA B 79 -23.51 1.70 -9.98
N ILE B 80 -23.38 0.62 -9.21
CA ILE B 80 -22.13 0.31 -8.53
C ILE B 80 -21.04 -0.04 -9.54
N ALA B 81 -21.38 -0.87 -10.55
CA ALA B 81 -20.44 -1.29 -11.57
C ALA B 81 -20.02 -0.13 -12.46
N LEU B 82 -20.95 0.72 -12.85
CA LEU B 82 -20.61 1.82 -13.74
C LEU B 82 -19.78 2.87 -12.99
N ALA B 83 -20.13 3.16 -11.74
CA ALA B 83 -19.34 4.11 -10.96
C ALA B 83 -17.92 3.60 -10.82
N ALA B 84 -17.76 2.31 -10.56
CA ALA B 84 -16.43 1.69 -10.46
C ALA B 84 -15.69 1.75 -11.81
N LYS B 85 -16.35 1.35 -12.90
CA LYS B 85 -15.71 1.43 -14.21
C LYS B 85 -15.21 2.84 -14.50
N LEU B 86 -15.90 3.87 -13.99
CA LEU B 86 -15.57 5.27 -14.18
C LEU B 86 -14.57 5.83 -13.18
N GLY B 87 -14.23 5.08 -12.14
CA GLY B 87 -13.28 5.59 -11.17
C GLY B 87 -13.81 6.50 -10.10
N LEU B 88 -15.05 6.31 -9.67
CA LEU B 88 -15.61 7.10 -8.58
C LEU B 88 -14.92 6.74 -7.26
N THR B 89 -14.39 7.75 -6.57
CA THR B 89 -13.77 7.58 -5.27
C THR B 89 -14.54 8.20 -4.11
N SER B 90 -15.55 9.02 -4.39
CA SER B 90 -16.40 9.51 -3.30
C SER B 90 -17.67 8.67 -3.22
N LYS B 91 -18.76 9.24 -2.68
CA LYS B 91 -19.94 8.44 -2.38
C LYS B 91 -20.78 8.21 -3.62
N LEU B 92 -21.50 7.10 -3.63
CA LEU B 92 -22.49 6.83 -4.67
C LEU B 92 -23.86 6.81 -4.00
N SER B 93 -24.77 7.63 -4.47
CA SER B 93 -26.09 7.72 -3.85
C SER B 93 -27.10 7.10 -4.79
N ILE B 94 -27.87 6.15 -4.29
CA ILE B 94 -28.80 5.37 -5.11
C ILE B 94 -30.21 5.59 -4.58
N ASN B 95 -31.14 5.78 -5.51
CA ASN B 95 -32.54 5.92 -5.18
C ASN B 95 -33.18 4.59 -4.81
N PHE B 96 -33.74 4.54 -3.60
CA PHE B 96 -34.52 3.39 -3.17
C PHE B 96 -35.88 3.45 -3.86
N LEU B 97 -36.20 2.43 -4.65
CA LEU B 97 -37.49 2.37 -5.32
C LEU B 97 -38.60 2.39 -4.28
N PRO B 98 -39.52 3.37 -4.32
CA PRO B 98 -40.47 3.55 -3.21
C PRO B 98 -41.41 2.37 -3.03
N ASN B 99 -41.60 1.57 -4.07
CA ASN B 99 -42.53 0.45 -4.11
C ASN B 99 -41.87 -0.87 -3.71
N ALA B 100 -40.94 -0.85 -2.76
CA ALA B 100 -40.41 -2.08 -2.17
C ALA B 100 -41.19 -2.41 -0.90
N ILE B 101 -41.93 -3.52 -0.94
CA ILE B 101 -42.76 -3.98 0.19
C ILE B 101 -42.00 -5.06 0.95
N TYR B 102 -42.03 -4.97 2.29
CA TYR B 102 -41.42 -5.87 3.28
C TYR B 102 -40.20 -6.66 2.79
N VAL B 103 -39.59 -6.24 1.67
CA VAL B 103 -38.29 -6.71 1.19
C VAL B 103 -37.58 -7.54 2.24
N PRO B 104 -37.43 -8.86 2.06
CA PRO B 104 -36.73 -9.66 3.08
C PRO B 104 -35.33 -9.12 3.29
N GLU B 105 -34.88 -9.19 4.55
CA GLU B 105 -33.62 -8.54 4.93
C GLU B 105 -32.43 -9.29 4.36
N ARG B 106 -32.70 -10.20 3.43
CA ARG B 106 -31.68 -10.96 2.75
C ARG B 106 -31.63 -10.66 1.27
N CYS B 107 -32.55 -9.83 0.76
CA CYS B 107 -32.43 -9.38 -0.62
C CYS B 107 -31.36 -8.31 -0.76
N ILE B 108 -30.84 -7.80 0.36
CA ILE B 108 -29.71 -6.90 0.36
C ILE B 108 -28.42 -7.60 -0.06
N ARG B 109 -28.49 -8.93 -0.24
CA ARG B 109 -27.33 -9.77 -0.57
C ARG B 109 -26.75 -9.38 -1.92
N THR B 110 -27.63 -9.24 -2.92
CA THR B 110 -27.22 -8.76 -4.24
C THR B 110 -26.39 -7.49 -4.14
N THR B 111 -26.81 -6.57 -3.28
CA THR B 111 -26.10 -5.30 -3.13
C THR B 111 -24.73 -5.51 -2.51
N LEU B 112 -24.67 -6.26 -1.41
CA LEU B 112 -23.42 -6.47 -0.71
C LEU B 112 -22.39 -7.20 -1.58
N GLU B 113 -22.86 -8.18 -2.36
CA GLU B 113 -21.95 -8.88 -3.28
C GLU B 113 -21.48 -7.96 -4.39
N ALA B 114 -22.40 -7.19 -4.97
CA ALA B 114 -22.01 -6.29 -6.04
C ALA B 114 -20.94 -5.31 -5.56
N ALA B 115 -21.12 -4.74 -4.37
CA ALA B 115 -20.10 -3.83 -3.84
C ALA B 115 -18.76 -4.55 -3.63
N LYS B 116 -18.79 -5.73 -3.02
CA LYS B 116 -17.56 -6.47 -2.75
C LYS B 116 -16.82 -6.79 -4.04
N ARG B 117 -17.53 -7.26 -5.07
CA ARG B 117 -16.86 -7.62 -6.31
C ARG B 117 -16.24 -6.41 -7.01
N TYR B 118 -16.83 -5.22 -6.85
CA TYR B 118 -16.34 -4.02 -7.50
C TYR B 118 -15.48 -3.15 -6.60
N GLN B 119 -15.09 -3.66 -5.43
CA GLN B 119 -14.22 -2.94 -4.51
C GLN B 119 -14.79 -1.56 -4.19
N PHE B 120 -16.09 -1.51 -3.91
CA PHE B 120 -16.74 -0.26 -3.52
C PHE B 120 -17.13 -0.37 -2.05
N PRO B 121 -16.49 0.37 -1.14
CA PRO B 121 -16.80 0.23 0.28
C PRO B 121 -18.26 0.52 0.53
N ILE B 122 -18.87 -0.27 1.42
CA ILE B 122 -20.29 -0.10 1.70
C ILE B 122 -20.59 1.27 2.29
N GLU B 123 -19.69 1.75 3.15
CA GLU B 123 -19.85 3.04 3.81
C GLU B 123 -19.80 4.18 2.83
N ASN B 124 -19.47 3.91 1.58
CA ASN B 124 -19.48 4.92 0.55
C ASN B 124 -20.73 4.89 -0.30
N ILE B 125 -21.74 4.12 0.11
CA ILE B 125 -22.99 4.01 -0.62
C ILE B 125 -24.12 4.58 0.23
N MET B 126 -24.85 5.52 -0.33
CA MET B 126 -26.00 6.12 0.35
C MET B 126 -27.26 5.73 -0.40
N PHE B 127 -28.29 5.37 0.36
CA PHE B 127 -29.61 5.15 -0.23
C PHE B 127 -30.52 6.32 0.12
N GLU B 128 -31.22 6.83 -0.89
CA GLU B 128 -32.16 7.94 -0.76
C GLU B 128 -33.57 7.37 -0.76
N PHE B 129 -34.31 7.63 0.32
CA PHE B 129 -35.64 7.10 0.56
C PHE B 129 -36.70 8.20 0.41
N THR B 130 -37.78 7.87 -0.28
CA THR B 130 -38.96 8.72 -0.33
C THR B 130 -40.14 7.92 0.22
N GLU B 131 -41.02 8.59 0.97
CA GLU B 131 -42.20 7.94 1.54
C GLU B 131 -43.33 7.85 0.52
N ALA B 132 -43.55 6.66 -0.03
CA ALA B 132 -44.66 6.41 -0.94
C ALA B 132 -45.68 5.53 -0.23
N GLU B 133 -46.94 5.99 -0.20
CA GLU B 133 -48.06 5.26 0.42
C GLU B 133 -47.89 5.33 1.93
N ARG B 134 -48.12 6.52 2.49
CA ARG B 134 -47.83 6.89 3.87
C ARG B 134 -48.73 6.17 4.89
N VAL B 135 -48.34 6.35 6.16
CA VAL B 135 -48.88 5.80 7.41
C VAL B 135 -49.58 4.44 7.30
N GLU B 136 -49.05 3.52 6.51
CA GLU B 136 -49.68 2.21 6.59
C GLU B 136 -48.52 1.42 7.05
N ASP B 137 -48.29 1.73 8.31
CA ASP B 137 -47.33 1.24 9.27
C ASP B 137 -46.26 2.17 9.69
N VAL B 138 -45.55 2.81 8.75
CA VAL B 138 -44.36 3.70 8.95
C VAL B 138 -43.06 3.10 9.52
N ASN B 139 -43.14 1.93 10.13
CA ASN B 139 -42.06 1.18 10.66
C ASN B 139 -41.42 0.48 9.52
N HIS B 140 -42.12 0.20 8.43
CA HIS B 140 -41.53 -0.44 7.26
C HIS B 140 -40.37 0.37 6.81
N ILE B 141 -40.62 1.60 6.46
CA ILE B 141 -39.54 2.44 6.02
C ILE B 141 -38.57 2.67 7.14
N LYS B 142 -39.04 2.69 8.36
CA LYS B 142 -38.15 2.84 9.44
C LYS B 142 -37.36 1.57 9.61
N ARG B 143 -37.94 0.42 9.35
CA ARG B 143 -37.22 -0.84 9.48
C ARG B 143 -36.10 -0.90 8.48
N ILE B 144 -36.38 -0.54 7.25
CA ILE B 144 -35.42 -0.56 6.22
C ILE B 144 -34.30 0.39 6.46
N VAL B 145 -34.60 1.63 6.79
CA VAL B 145 -33.58 2.59 7.04
C VAL B 145 -32.64 2.21 8.14
N GLU B 146 -33.18 1.67 9.22
CA GLU B 146 -32.35 1.24 10.31
C GLU B 146 -31.56 0.03 9.91
N TYR B 147 -32.17 -0.88 9.21
CA TYR B 147 -31.49 -2.07 8.78
C TYR B 147 -30.24 -1.73 7.92
N TYR B 148 -30.40 -0.90 6.89
CA TYR B 148 -29.28 -0.48 6.05
C TYR B 148 -28.20 0.22 6.87
N LYS B 149 -28.60 1.01 7.83
CA LYS B 149 -27.67 1.67 8.68
C LYS B 149 -26.78 0.70 9.44
N SER B 150 -27.37 -0.36 9.99
CA SER B 150 -26.60 -1.34 10.72
C SER B 150 -25.61 -2.09 9.81
N LEU B 151 -25.84 -2.10 8.48
CA LEU B 151 -24.86 -2.72 7.60
C LEU B 151 -23.71 -1.80 7.20
N GLY B 152 -23.81 -0.50 7.39
CA GLY B 152 -22.76 0.43 7.01
C GLY B 152 -23.11 1.48 5.98
N PHE B 153 -24.25 1.33 5.36
CA PHE B 153 -24.67 2.28 4.34
C PHE B 153 -24.96 3.67 4.92
N GLN B 154 -24.79 4.68 4.08
CA GLN B 154 -25.35 6.00 4.34
C GLN B 154 -26.83 6.03 3.96
N THR B 155 -27.60 6.88 4.65
CA THR B 155 -29.04 7.01 4.39
C THR B 155 -29.44 8.46 4.27
N ALA B 156 -30.42 8.70 3.42
CA ALA B 156 -30.92 10.04 3.20
C ALA B 156 -32.42 9.95 2.99
N ILE B 157 -33.14 10.90 3.55
CA ILE B 157 -34.51 11.12 3.11
C ILE B 157 -34.44 12.11 1.96
N ASP B 158 -35.11 11.76 0.89
CA ASP B 158 -35.12 12.52 -0.34
C ASP B 158 -36.38 13.38 -0.41
N ASP B 159 -36.29 14.48 -1.15
CA ASP B 159 -37.43 15.34 -1.47
C ASP B 159 -38.15 15.85 -0.22
N PHE B 160 -37.39 16.15 0.82
CA PHE B 160 -37.98 16.62 2.06
C PHE B 160 -38.75 17.90 1.83
N GLY B 161 -40.01 17.90 2.25
CA GLY B 161 -40.81 19.09 2.07
C GLY B 161 -41.56 19.13 0.76
N SER B 162 -41.75 17.97 0.13
CA SER B 162 -42.55 17.84 -1.08
C SER B 162 -43.87 17.19 -0.69
N GLY B 163 -44.66 16.84 -1.70
CA GLY B 163 -45.99 16.30 -1.45
C GLY B 163 -45.99 15.20 -0.41
N TYR B 164 -45.06 14.26 -0.55
CA TYR B 164 -45.04 12.98 0.15
C TYR B 164 -44.10 12.93 1.36
N SER B 165 -42.82 13.26 1.18
CA SER B 165 -41.82 13.12 2.25
C SER B 165 -41.78 14.33 3.18
N GLY B 166 -42.04 14.09 4.46
CA GLY B 166 -42.07 15.17 5.43
C GLY B 166 -41.68 14.84 6.86
N LEU B 167 -42.18 15.70 7.77
CA LEU B 167 -41.83 15.67 9.18
C LEU B 167 -42.24 14.37 9.88
N ASN B 168 -43.28 13.70 9.40
CA ASN B 168 -43.67 12.42 10.00
C ASN B 168 -42.54 11.40 9.92
N LEU B 169 -41.71 11.46 8.87
CA LEU B 169 -40.58 10.55 8.75
C LEU B 169 -39.51 10.86 9.80
N LEU B 170 -39.14 12.14 9.92
CA LEU B 170 -38.11 12.57 10.84
C LEU B 170 -38.48 12.25 12.27
N ALA B 171 -39.78 12.11 12.56
CA ALA B 171 -40.25 11.97 13.94
C ALA B 171 -39.83 10.63 14.56
N ASP B 172 -39.89 9.54 13.81
CA ASP B 172 -39.57 8.22 14.35
C ASP B 172 -38.17 7.73 13.97
N PHE B 173 -37.52 8.29 12.96
CA PHE B 173 -36.16 7.85 12.69
C PHE B 173 -35.43 8.95 11.93
N GLN B 174 -34.11 8.99 12.09
CA GLN B 174 -33.30 10.02 11.48
C GLN B 174 -32.22 9.37 10.63
N THR B 175 -32.08 9.87 9.42
CA THR B 175 -31.10 9.43 8.46
C THR B 175 -29.85 10.29 8.58
N ASN B 176 -28.78 9.90 7.85
CA ASN B 176 -27.55 10.70 7.89
C ASN B 176 -27.76 12.08 7.30
N ILE B 177 -28.50 12.16 6.21
CA ILE B 177 -28.64 13.38 5.44
C ILE B 177 -30.11 13.53 5.15
N VAL B 178 -30.55 14.76 4.94
CA VAL B 178 -31.89 15.05 4.45
C VAL B 178 -31.73 15.96 3.24
N LYS B 179 -32.28 15.52 2.11
CA LYS B 179 -32.24 16.29 0.88
C LYS B 179 -33.50 17.16 0.81
N VAL B 180 -33.31 18.48 0.92
CA VAL B 180 -34.42 19.41 0.88
C VAL B 180 -34.91 19.54 -0.56
N ASP B 181 -36.21 19.34 -0.75
CA ASP B 181 -36.82 19.39 -2.08
C ASP B 181 -36.56 20.71 -2.78
N MET B 182 -36.33 20.64 -4.09
CA MET B 182 -35.91 21.81 -4.84
C MET B 182 -37.01 22.85 -5.00
N GLY B 183 -38.27 22.44 -4.89
CA GLY B 183 -39.34 23.42 -4.82
C GLY B 183 -39.16 24.40 -3.68
N LEU B 184 -38.57 23.95 -2.56
CA LEU B 184 -38.31 24.81 -1.43
C LEU B 184 -37.09 25.69 -1.63
N ILE B 185 -36.20 25.28 -2.53
CA ILE B 185 -34.95 25.99 -2.78
C ILE B 185 -35.13 27.06 -3.85
N ARG B 186 -36.06 26.85 -4.77
CA ARG B 186 -36.20 27.71 -5.95
C ARG B 186 -36.37 29.17 -5.55
N ASN B 187 -35.47 30.01 -6.05
CA ASN B 187 -35.53 31.45 -5.86
C ASN B 187 -35.47 31.81 -4.39
N ILE B 188 -34.86 30.95 -3.57
CA ILE B 188 -34.96 31.13 -2.13
C ILE B 188 -34.32 32.46 -1.69
N HIS B 189 -33.39 32.99 -2.48
CA HIS B 189 -32.74 34.24 -2.16
C HIS B 189 -33.74 35.39 -2.18
N ALA B 190 -34.85 35.24 -2.90
CA ALA B 190 -35.83 36.29 -3.07
C ALA B 190 -37.14 36.01 -2.39
N ASP B 191 -37.30 34.84 -1.77
CA ASP B 191 -38.60 34.36 -1.33
C ASP B 191 -38.52 34.23 0.18
N GLN B 192 -38.99 35.27 0.88
CA GLN B 192 -38.83 35.34 2.33
C GLN B 192 -39.61 34.24 3.06
N VAL B 193 -40.70 33.73 2.48
CA VAL B 193 -41.36 32.57 3.08
C VAL B 193 -40.43 31.34 3.00
N ARG B 194 -39.89 31.06 1.82
CA ARG B 194 -38.93 29.97 1.69
C ARG B 194 -37.71 30.19 2.57
N GLN B 195 -37.28 31.45 2.73
CA GLN B 195 -36.19 31.74 3.64
C GLN B 195 -36.52 31.31 5.08
N SER B 196 -37.74 31.59 5.53
CA SER B 196 -38.15 31.20 6.87
C SER B 196 -38.30 29.69 7.02
N ILE B 197 -38.92 29.01 6.04
CA ILE B 197 -39.02 27.55 6.10
C ILE B 197 -37.62 26.95 6.24
N MET B 198 -36.69 27.38 5.39
CA MET B 198 -35.34 26.82 5.37
C MET B 198 -34.58 27.12 6.66
N LYS B 199 -34.68 28.37 7.17
CA LYS B 199 -33.97 28.75 8.39
C LYS B 199 -34.37 27.85 9.55
N ASN B 200 -35.68 27.68 9.74
CA ASN B 200 -36.18 26.88 10.85
C ASN B 200 -35.97 25.38 10.60
N CYS B 201 -35.99 24.95 9.33
CA CYS B 201 -35.66 23.55 9.05
C CYS B 201 -34.17 23.27 9.28
N LEU B 202 -33.29 24.20 8.94
CA LEU B 202 -31.86 23.96 9.21
C LEU B 202 -31.59 23.81 10.70
N LYS B 203 -32.19 24.67 11.54
CA LYS B 203 -31.97 24.55 12.97
C LYS B 203 -32.48 23.22 13.52
N LEU B 204 -33.58 22.74 12.92
CA LEU B 204 -34.14 21.46 13.30
C LEU B 204 -33.18 20.33 12.90
N PHE B 205 -32.67 20.40 11.67
CA PHE B 205 -31.72 19.39 11.19
C PHE B 205 -30.51 19.32 12.10
N SER B 206 -30.00 20.48 12.47
CA SER B 206 -28.88 20.52 13.40
C SER B 206 -29.23 19.86 14.73
N ASP B 207 -30.43 20.17 15.27
CA ASP B 207 -30.85 19.57 16.55
C ASP B 207 -30.89 18.06 16.48
N LEU B 208 -31.27 17.51 15.33
CA LEU B 208 -31.37 16.07 15.18
C LEU B 208 -30.08 15.45 14.67
N ASN B 209 -28.98 16.21 14.65
CA ASN B 209 -27.73 15.77 14.03
C ASN B 209 -27.93 15.21 12.61
N ILE B 210 -28.60 15.98 11.78
CA ILE B 210 -28.79 15.61 10.38
C ILE B 210 -28.08 16.62 9.50
N GLN B 211 -27.33 16.12 8.50
CA GLN B 211 -26.65 17.00 7.58
C GLN B 211 -27.63 17.35 6.46
N PRO B 212 -27.94 18.62 6.23
CA PRO B 212 -28.86 18.98 5.16
C PRO B 212 -28.15 19.00 3.82
N LEU B 213 -28.94 18.80 2.78
CA LEU B 213 -28.44 18.91 1.42
C LEU B 213 -29.49 19.64 0.57
N ALA B 214 -29.12 20.79 0.01
CA ALA B 214 -30.04 21.56 -0.84
C ALA B 214 -29.97 21.05 -2.28
N GLU B 215 -31.11 20.60 -2.79
CA GLU B 215 -31.21 19.99 -4.11
C GLU B 215 -31.76 20.98 -5.13
N GLY B 216 -31.41 20.75 -6.39
CA GLY B 216 -31.94 21.57 -7.47
C GLY B 216 -31.46 22.99 -7.51
N VAL B 217 -30.28 23.28 -6.96
CA VAL B 217 -29.73 24.63 -7.05
C VAL B 217 -29.37 24.94 -8.48
N GLU B 218 -29.92 26.02 -9.02
CA GLU B 218 -29.80 26.37 -10.43
C GLU B 218 -29.10 27.69 -10.68
N SER B 219 -28.99 28.57 -9.68
CA SER B 219 -28.42 29.89 -9.88
C SER B 219 -27.39 30.17 -8.81
N HIS B 220 -26.48 31.08 -9.12
CA HIS B 220 -25.57 31.59 -8.09
C HIS B 220 -26.31 32.17 -6.90
N ALA B 221 -27.36 32.98 -7.15
CA ALA B 221 -28.06 33.67 -6.06
C ALA B 221 -28.65 32.71 -5.04
N GLU B 222 -29.29 31.64 -5.52
CA GLU B 222 -29.76 30.59 -4.61
C GLU B 222 -28.60 29.99 -3.83
N PHE B 223 -27.54 29.59 -4.54
CA PHE B 223 -26.38 28.98 -3.89
C PHE B 223 -25.76 29.91 -2.86
N ALA B 224 -25.58 31.18 -3.22
CA ALA B 224 -24.95 32.11 -2.26
C ALA B 224 -25.82 32.25 -1.01
N TRP B 225 -27.15 32.26 -1.18
CA TRP B 225 -28.03 32.38 -0.02
C TRP B 225 -28.00 31.11 0.83
N LEU B 226 -28.07 29.94 0.18
CA LEU B 226 -27.99 28.68 0.89
C LEU B 226 -26.67 28.55 1.65
N LYS B 227 -25.58 29.00 1.05
CA LYS B 227 -24.29 28.91 1.73
C LYS B 227 -24.23 29.86 2.91
N ALA B 228 -24.70 31.10 2.73
CA ALA B 228 -24.73 32.02 3.84
C ALA B 228 -25.58 31.48 4.99
N ALA B 229 -26.61 30.69 4.69
CA ALA B 229 -27.49 30.13 5.72
C ALA B 229 -26.91 28.91 6.45
N GLY B 230 -25.77 28.39 6.01
CA GLY B 230 -25.12 27.27 6.67
C GLY B 230 -25.18 25.96 5.88
N VAL B 231 -25.82 25.96 4.72
CA VAL B 231 -25.91 24.74 3.93
C VAL B 231 -24.55 24.47 3.31
N GLU B 232 -24.06 23.25 3.49
CA GLU B 232 -22.81 22.79 2.90
C GLU B 232 -23.06 21.93 1.67
N LEU B 233 -23.80 20.82 1.83
CA LEU B 233 -24.02 19.91 0.70
C LEU B 233 -25.09 20.46 -0.23
N MET B 234 -24.76 20.53 -1.52
CA MET B 234 -25.67 21.05 -2.53
C MET B 234 -25.62 20.22 -3.81
N GLN B 235 -26.68 20.34 -4.60
CA GLN B 235 -26.82 19.59 -5.83
C GLN B 235 -27.65 20.38 -6.84
N GLY B 236 -27.30 20.29 -8.12
CA GLY B 236 -28.15 20.90 -9.13
C GLY B 236 -27.39 21.37 -10.35
N TYR B 237 -28.16 21.86 -11.32
CA TYR B 237 -27.59 22.30 -12.60
C TYR B 237 -26.54 23.40 -12.42
N TYR B 238 -26.66 24.21 -11.36
CA TYR B 238 -25.65 25.23 -11.12
C TYR B 238 -24.26 24.61 -11.07
N PHE B 239 -24.14 23.47 -10.41
CA PHE B 239 -22.88 22.75 -10.31
C PHE B 239 -22.64 21.81 -11.50
N ALA B 240 -23.67 21.06 -11.89
CA ALA B 240 -23.58 20.17 -13.04
C ALA B 240 -24.89 19.42 -13.24
N LYS B 241 -25.36 19.39 -14.45
CA LYS B 241 -26.39 18.47 -14.90
C LYS B 241 -25.95 17.03 -14.68
N PRO B 242 -26.84 16.06 -14.79
CA PRO B 242 -26.38 14.66 -14.75
C PRO B 242 -25.55 14.32 -15.98
N GLY B 243 -24.55 13.47 -15.78
CA GLY B 243 -23.71 13.04 -16.91
C GLY B 243 -23.92 11.61 -17.35
N PHE B 244 -24.40 11.42 -18.58
CA PHE B 244 -24.64 10.08 -19.12
C PHE B 244 -23.37 9.25 -19.09
N GLU B 245 -23.42 8.17 -18.30
CA GLU B 245 -22.32 7.20 -18.20
C GLU B 245 -20.99 7.86 -17.90
N SER B 246 -21.03 8.98 -17.17
CA SER B 246 -19.84 9.78 -16.91
C SER B 246 -19.95 10.46 -15.56
N LEU B 247 -18.80 10.93 -15.06
CA LEU B 247 -18.71 11.66 -13.80
C LEU B 247 -18.47 13.13 -14.12
N PRO B 248 -19.51 13.97 -14.21
CA PRO B 248 -19.30 15.39 -14.56
C PRO B 248 -18.45 16.16 -13.55
N SER B 249 -17.69 17.12 -14.07
CA SER B 249 -16.91 18.05 -13.27
C SER B 249 -17.68 19.33 -12.99
N VAL B 250 -17.20 20.08 -12.00
CA VAL B 250 -17.90 21.25 -11.49
C VAL B 250 -17.13 22.52 -11.83
N ASN B 251 -17.82 23.49 -12.42
CA ASN B 251 -17.29 24.83 -12.62
C ASN B 251 -16.83 25.40 -11.27
N PRO B 252 -15.58 25.80 -11.14
CA PRO B 252 -15.10 26.34 -9.85
C PRO B 252 -15.64 27.72 -9.50
N GLU B 253 -16.74 28.14 -10.13
CA GLU B 253 -17.25 29.50 -9.96
C GLU B 253 -17.65 29.78 -8.52
N PHE B 254 -18.03 28.75 -7.76
CA PHE B 254 -18.89 28.97 -6.60
C PHE B 254 -18.26 29.58 -5.35
N SER B 255 -17.68 28.79 -4.45
CA SER B 255 -17.44 29.28 -3.09
C SER B 255 -16.33 30.32 -3.02
N GLU B 256 -15.10 29.93 -3.39
CA GLU B 256 -13.97 30.84 -3.39
C GLU B 256 -13.78 31.46 -1.99
N ALA B 257 -14.10 32.74 -1.87
CA ALA B 257 -13.89 33.58 -0.67
C ALA B 257 -12.91 33.03 0.36
CA SER C 21 -26.42 -29.27 -25.97
C SER C 21 -25.38 -30.30 -26.40
N LEU C 22 -24.49 -30.68 -25.47
CA LEU C 22 -23.39 -31.57 -25.76
C LEU C 22 -23.81 -33.04 -25.78
N ASP C 23 -22.91 -33.90 -25.33
CA ASP C 23 -23.07 -35.35 -25.31
C ASP C 23 -23.20 -35.91 -23.90
N PHE C 24 -22.55 -35.28 -22.93
CA PHE C 24 -22.55 -35.69 -21.54
C PHE C 24 -22.67 -34.42 -20.69
N ASP C 25 -23.05 -34.60 -19.43
CA ASP C 25 -23.18 -33.46 -18.52
C ASP C 25 -22.17 -33.56 -17.38
N PHE C 26 -21.93 -32.41 -16.76
CA PHE C 26 -20.91 -32.26 -15.73
C PHE C 26 -21.19 -30.97 -14.98
N THR C 27 -20.48 -30.80 -13.85
CA THR C 27 -20.57 -29.59 -13.04
C THR C 27 -19.17 -29.19 -12.59
N MET C 28 -19.11 -28.29 -11.60
CA MET C 28 -17.89 -27.67 -11.15
C MET C 28 -17.63 -27.90 -9.65
N ALA C 29 -16.37 -28.04 -9.29
CA ALA C 29 -15.89 -27.91 -7.92
C ALA C 29 -15.06 -26.64 -7.83
N PHE C 30 -14.84 -26.18 -6.61
CA PHE C 30 -14.09 -24.94 -6.42
C PHE C 30 -13.07 -25.15 -5.31
N GLN C 31 -11.86 -24.64 -5.53
CA GLN C 31 -10.81 -24.76 -4.54
C GLN C 31 -10.26 -23.36 -4.25
N PRO C 32 -10.22 -22.96 -2.99
CA PRO C 32 -9.78 -21.60 -2.68
C PRO C 32 -8.29 -21.41 -2.90
N ILE C 33 -7.96 -20.20 -3.34
CA ILE C 33 -6.61 -19.68 -3.37
C ILE C 33 -6.50 -18.67 -2.24
N VAL C 34 -5.50 -18.84 -1.37
CA VAL C 34 -5.36 -18.03 -0.16
C VAL C 34 -4.20 -17.06 -0.33
N ASN C 35 -4.33 -15.92 0.30
CA ASN C 35 -3.24 -14.98 0.49
C ASN C 35 -2.71 -15.13 1.90
N CYS C 36 -1.48 -15.64 2.02
CA CYS C 36 -0.95 -15.96 3.33
C CYS C 36 -0.54 -14.71 4.09
N ARG C 37 -0.42 -13.59 3.43
CA ARG C 37 -0.12 -12.35 4.09
C ARG C 37 -1.35 -11.82 4.84
N THR C 38 -2.43 -11.66 4.10
CA THR C 38 -3.70 -11.17 4.62
C THR C 38 -4.59 -12.24 5.23
N LYS C 39 -4.32 -13.52 5.02
CA LYS C 39 -5.18 -14.61 5.45
C LYS C 39 -6.57 -14.53 4.82
N GLU C 40 -6.71 -13.77 3.73
CA GLU C 40 -7.96 -13.65 3.02
C GLU C 40 -7.96 -14.60 1.83
N ILE C 41 -9.14 -14.86 1.30
CA ILE C 41 -9.29 -15.66 0.10
C ILE C 41 -9.12 -14.79 -1.14
N PHE C 42 -8.12 -15.12 -1.95
CA PHE C 42 -7.90 -14.43 -3.23
C PHE C 42 -8.97 -14.81 -4.24
N GLY C 43 -9.45 -16.05 -4.21
CA GLY C 43 -10.34 -16.51 -5.24
C GLY C 43 -10.45 -18.02 -5.19
N TYR C 44 -11.07 -18.56 -6.24
CA TYR C 44 -11.26 -19.99 -6.37
C TYR C 44 -10.97 -20.42 -7.79
N GLU C 45 -10.28 -21.55 -7.93
CA GLU C 45 -10.13 -22.19 -9.22
C GLU C 45 -11.32 -23.10 -9.45
N ALA C 46 -11.93 -22.99 -10.62
CA ALA C 46 -12.98 -23.94 -10.99
C ALA C 46 -12.34 -25.20 -11.55
N LEU C 47 -12.85 -26.36 -11.11
CA LEU C 47 -12.33 -27.65 -11.52
C LEU C 47 -13.51 -28.52 -11.92
N VAL C 48 -13.45 -29.08 -13.13
CA VAL C 48 -14.60 -29.79 -13.68
C VAL C 48 -14.81 -31.10 -12.94
N ARG C 49 -16.08 -31.45 -12.74
CA ARG C 49 -16.49 -32.68 -12.08
C ARG C 49 -17.74 -33.19 -12.76
N GLY C 50 -17.91 -34.52 -12.76
CA GLY C 50 -19.18 -35.11 -13.16
C GLY C 50 -20.30 -34.78 -12.17
N LEU C 51 -21.54 -35.08 -12.57
CA LEU C 51 -22.68 -34.77 -11.72
C LEU C 51 -22.67 -35.53 -10.40
N ASN C 52 -21.98 -36.67 -10.31
CA ASN C 52 -21.88 -37.42 -9.08
C ASN C 52 -20.47 -37.31 -8.49
N ASN C 53 -19.86 -36.13 -8.62
CA ASN C 53 -18.54 -35.87 -8.07
C ASN C 53 -17.49 -36.83 -8.62
N GLU C 54 -17.66 -37.32 -9.86
CA GLU C 54 -16.56 -38.05 -10.48
C GLU C 54 -15.46 -37.08 -10.91
N SER C 55 -14.30 -37.65 -11.21
CA SER C 55 -13.06 -36.90 -11.39
C SER C 55 -13.10 -36.00 -12.61
N ALA C 56 -12.18 -35.03 -12.62
CA ALA C 56 -12.04 -34.13 -13.76
C ALA C 56 -11.61 -34.91 -15.00
N TYR C 57 -10.61 -35.79 -14.84
CA TYR C 57 -10.09 -36.58 -15.96
C TYR C 57 -11.18 -37.41 -16.60
N SER C 58 -12.06 -38.01 -15.78
CA SER C 58 -13.21 -38.75 -16.31
C SER C 58 -14.06 -37.87 -17.23
N VAL C 59 -14.25 -36.60 -16.88
CA VAL C 59 -15.02 -35.71 -17.74
C VAL C 59 -14.22 -35.31 -18.97
N ILE C 60 -12.97 -34.91 -18.77
CA ILE C 60 -12.16 -34.37 -19.87
C ILE C 60 -11.84 -35.43 -20.92
N SER C 61 -11.64 -36.69 -20.51
CA SER C 61 -11.35 -37.74 -21.47
C SER C 61 -12.50 -37.98 -22.45
N ARG C 62 -13.70 -37.47 -22.16
CA ARG C 62 -14.83 -37.53 -23.07
C ARG C 62 -14.78 -36.42 -24.12
N VAL C 63 -13.90 -35.44 -23.95
CA VAL C 63 -13.81 -34.29 -24.85
C VAL C 63 -12.90 -34.65 -26.02
N ASN C 64 -13.44 -34.53 -27.24
CA ASN C 64 -12.73 -34.72 -28.49
C ASN C 64 -12.65 -33.42 -29.30
N GLU C 65 -12.52 -33.55 -30.62
CA GLU C 65 -12.31 -32.43 -31.54
C GLU C 65 -13.61 -31.68 -31.79
N ASP C 66 -14.71 -32.41 -31.95
CA ASP C 66 -16.05 -31.85 -32.07
C ASP C 66 -16.69 -31.53 -30.73
N ASN C 67 -16.08 -31.97 -29.62
CA ASN C 67 -16.56 -31.59 -28.30
C ASN C 67 -15.83 -30.38 -27.76
N ARG C 68 -14.58 -30.18 -28.17
CA ARG C 68 -13.65 -29.24 -27.53
C ARG C 68 -14.30 -27.88 -27.31
N TYR C 69 -14.80 -27.26 -28.38
CA TYR C 69 -15.32 -25.91 -28.26
C TYR C 69 -16.53 -25.84 -27.34
N LEU C 70 -17.56 -26.63 -27.61
CA LEU C 70 -18.80 -26.52 -26.85
C LEU C 70 -18.53 -26.86 -25.38
N PHE C 71 -17.65 -27.82 -25.12
CA PHE C 71 -17.26 -28.14 -23.75
C PHE C 71 -16.55 -26.98 -23.06
N ASP C 72 -15.65 -26.30 -23.77
CA ASP C 72 -14.98 -25.15 -23.19
C ASP C 72 -15.98 -24.06 -22.81
N GLN C 73 -16.99 -23.84 -23.66
CA GLN C 73 -18.00 -22.82 -23.37
C GLN C 73 -18.89 -23.25 -22.20
N MET C 74 -19.40 -24.49 -22.24
CA MET C 74 -20.17 -25.02 -21.10
C MET C 74 -19.38 -24.91 -19.80
N CYS C 75 -18.09 -25.25 -19.85
CA CYS C 75 -17.25 -25.15 -18.67
C CYS C 75 -17.21 -23.71 -18.14
N ARG C 76 -16.96 -22.75 -19.04
CA ARG C 76 -16.86 -21.36 -18.61
C ARG C 76 -18.17 -20.88 -18.01
N VAL C 77 -19.28 -21.17 -18.67
CA VAL C 77 -20.57 -20.66 -18.21
C VAL C 77 -20.95 -21.31 -16.88
N LYS C 78 -20.79 -22.62 -16.77
CA LYS C 78 -21.13 -23.35 -15.55
C LYS C 78 -20.31 -22.84 -14.37
N ALA C 79 -19.03 -22.56 -14.59
CA ALA C 79 -18.21 -22.02 -13.52
C ALA C 79 -18.72 -20.65 -13.09
N ILE C 80 -19.03 -19.79 -14.07
CA ILE C 80 -19.49 -18.45 -13.80
C ILE C 80 -20.86 -18.47 -13.14
N ALA C 81 -21.77 -19.28 -13.66
CA ALA C 81 -23.11 -19.32 -13.11
C ALA C 81 -23.10 -19.88 -11.70
N LEU C 82 -22.31 -20.94 -11.48
CA LEU C 82 -22.32 -21.60 -10.18
C LEU C 82 -21.64 -20.73 -9.13
N ALA C 83 -20.55 -20.06 -9.50
CA ALA C 83 -19.88 -19.16 -8.57
C ALA C 83 -20.80 -18.02 -8.16
N ALA C 84 -21.57 -17.49 -9.13
CA ALA C 84 -22.51 -16.42 -8.80
C ALA C 84 -23.56 -16.90 -7.80
N LYS C 85 -24.16 -18.05 -8.06
CA LYS C 85 -25.13 -18.64 -7.13
C LYS C 85 -24.51 -18.89 -5.75
N LEU C 86 -23.22 -19.19 -5.70
CA LEU C 86 -22.60 -19.47 -4.41
C LEU C 86 -22.19 -18.19 -3.70
N GLY C 87 -22.31 -17.04 -4.35
CA GLY C 87 -21.93 -15.77 -3.76
C GLY C 87 -20.44 -15.48 -3.77
N LEU C 88 -19.70 -15.96 -4.78
CA LEU C 88 -18.28 -15.66 -4.83
C LEU C 88 -18.08 -14.18 -5.14
N THR C 89 -17.36 -13.47 -4.28
CA THR C 89 -17.04 -12.07 -4.52
C THR C 89 -15.57 -11.81 -4.79
N SER C 90 -14.68 -12.82 -4.63
CA SER C 90 -13.26 -12.67 -4.97
C SER C 90 -13.07 -13.19 -6.40
N LYS C 91 -11.85 -13.62 -6.76
CA LYS C 91 -11.58 -13.95 -8.14
C LYS C 91 -12.07 -15.34 -8.51
N LEU C 92 -12.43 -15.51 -9.77
CA LEU C 92 -12.80 -16.79 -10.36
C LEU C 92 -11.73 -17.12 -11.40
N SER C 93 -11.06 -18.26 -11.21
CA SER C 93 -9.95 -18.70 -12.07
C SER C 93 -10.41 -19.91 -12.86
N ILE C 94 -10.32 -19.82 -14.18
CA ILE C 94 -10.83 -20.86 -15.06
C ILE C 94 -9.67 -21.40 -15.89
N ASN C 95 -9.63 -22.73 -16.03
CA ASN C 95 -8.62 -23.39 -16.87
C ASN C 95 -8.96 -23.23 -18.34
N PHE C 96 -8.05 -22.63 -19.09
CA PHE C 96 -8.19 -22.53 -20.53
C PHE C 96 -7.80 -23.87 -21.14
N LEU C 97 -8.74 -24.48 -21.84
CA LEU C 97 -8.53 -25.76 -22.48
C LEU C 97 -7.36 -25.62 -23.47
N PRO C 98 -6.29 -26.39 -23.32
CA PRO C 98 -5.03 -26.02 -23.99
C PRO C 98 -5.08 -26.03 -25.52
N ASN C 99 -5.79 -26.95 -26.15
CA ASN C 99 -5.95 -26.86 -27.59
C ASN C 99 -7.35 -26.39 -27.99
N ALA C 100 -7.95 -25.54 -27.16
CA ALA C 100 -8.99 -24.64 -27.65
C ALA C 100 -8.31 -23.34 -28.01
N ILE C 101 -7.24 -23.53 -28.80
CA ILE C 101 -6.33 -22.47 -29.23
C ILE C 101 -6.64 -22.00 -30.64
N TYR C 102 -7.50 -22.72 -31.37
CA TYR C 102 -7.86 -22.29 -32.71
C TYR C 102 -8.64 -20.99 -32.69
N VAL C 103 -9.31 -20.70 -31.57
CA VAL C 103 -10.01 -19.46 -31.23
C VAL C 103 -9.90 -18.34 -32.25
N PRO C 104 -10.90 -18.13 -33.10
CA PRO C 104 -10.89 -16.95 -33.96
C PRO C 104 -11.02 -15.67 -33.14
N GLU C 105 -10.64 -15.72 -31.85
CA GLU C 105 -10.77 -14.63 -30.88
C GLU C 105 -12.15 -13.95 -30.92
N ARG C 106 -13.16 -14.62 -31.51
CA ARG C 106 -14.50 -14.07 -31.59
C ARG C 106 -15.57 -14.88 -30.86
N CYS C 107 -15.26 -16.09 -30.40
CA CYS C 107 -16.18 -16.84 -29.55
C CYS C 107 -16.13 -16.39 -28.08
N ILE C 108 -15.24 -15.46 -27.73
CA ILE C 108 -15.19 -14.91 -26.38
C ILE C 108 -16.47 -14.18 -26.03
N ARG C 109 -17.39 -14.07 -26.99
CA ARG C 109 -18.68 -13.47 -26.73
C ARG C 109 -19.46 -14.22 -25.67
N THR C 110 -19.56 -15.55 -25.82
CA THR C 110 -20.26 -16.38 -24.84
C THR C 110 -19.78 -16.11 -23.42
N THR C 111 -18.48 -15.93 -23.24
CA THR C 111 -17.94 -15.69 -21.91
C THR C 111 -18.36 -14.31 -21.37
N LEU C 112 -18.22 -13.26 -22.19
CA LEU C 112 -18.60 -11.92 -21.74
C LEU C 112 -20.07 -11.84 -21.38
N GLU C 113 -20.93 -12.52 -22.15
CA GLU C 113 -22.36 -12.50 -21.86
C GLU C 113 -22.67 -13.20 -20.54
N ALA C 114 -22.07 -14.37 -20.31
CA ALA C 114 -22.31 -15.08 -19.06
C ALA C 114 -21.93 -14.23 -17.87
N ALA C 115 -20.77 -13.59 -17.93
CA ALA C 115 -20.35 -12.69 -16.86
C ALA C 115 -21.34 -11.56 -16.68
N LYS C 116 -21.77 -10.95 -17.79
CA LYS C 116 -22.73 -9.84 -17.76
C LYS C 116 -24.05 -10.29 -17.16
N ARG C 117 -24.55 -11.44 -17.63
CA ARG C 117 -25.81 -11.97 -17.14
C ARG C 117 -25.76 -12.28 -15.64
N TYR C 118 -24.58 -12.65 -15.13
CA TYR C 118 -24.43 -13.00 -13.73
C TYR C 118 -23.79 -11.90 -12.90
N GLN C 119 -23.61 -10.70 -13.48
CA GLN C 119 -23.08 -9.55 -12.76
C GLN C 119 -21.74 -9.87 -12.09
N PHE C 120 -20.87 -10.55 -12.84
CA PHE C 120 -19.53 -10.94 -12.40
C PHE C 120 -18.49 -10.12 -13.17
N PRO C 121 -17.73 -9.25 -12.52
CA PRO C 121 -16.82 -8.38 -13.28
C PRO C 121 -15.78 -9.17 -14.06
N ILE C 122 -15.46 -8.69 -15.27
CA ILE C 122 -14.45 -9.29 -16.12
C ILE C 122 -13.11 -9.29 -15.43
N GLU C 123 -12.82 -8.21 -14.70
CA GLU C 123 -11.57 -8.10 -13.98
C GLU C 123 -11.48 -9.08 -12.83
N ASN C 124 -12.56 -9.78 -12.51
CA ASN C 124 -12.57 -10.80 -11.47
C ASN C 124 -12.44 -12.21 -12.03
N ILE C 125 -12.16 -12.34 -13.32
CA ILE C 125 -12.02 -13.62 -13.97
C ILE C 125 -10.58 -13.77 -14.44
N MET C 126 -9.94 -14.86 -14.01
CA MET C 126 -8.59 -15.20 -14.40
C MET C 126 -8.63 -16.47 -15.24
N PHE C 127 -7.90 -16.47 -16.33
CA PHE C 127 -7.75 -17.65 -17.18
C PHE C 127 -6.35 -18.21 -17.01
N GLU C 128 -6.28 -19.54 -16.83
CA GLU C 128 -5.05 -20.27 -16.58
C GLU C 128 -4.61 -20.97 -17.86
N PHE C 129 -3.41 -20.64 -18.34
CA PHE C 129 -2.87 -21.16 -19.60
C PHE C 129 -1.73 -22.13 -19.35
N THR C 130 -1.76 -23.27 -20.03
CA THR C 130 -0.63 -24.19 -20.12
C THR C 130 -0.30 -24.39 -21.60
N GLU C 131 0.96 -24.66 -21.90
CA GLU C 131 1.33 -24.86 -23.29
C GLU C 131 0.71 -26.15 -23.81
N ALA C 132 0.18 -26.09 -25.03
CA ALA C 132 -0.52 -27.22 -25.63
C ALA C 132 0.40 -28.40 -25.93
N GLU C 133 1.07 -28.37 -27.08
CA GLU C 133 1.98 -29.41 -27.51
C GLU C 133 3.31 -28.75 -27.88
N ARG C 134 4.28 -29.54 -28.32
CA ARG C 134 5.63 -29.02 -28.52
C ARG C 134 5.63 -27.92 -29.57
N VAL C 135 5.51 -26.67 -29.12
CA VAL C 135 5.37 -25.54 -30.03
C VAL C 135 6.74 -25.18 -30.63
N GLU C 136 6.70 -24.45 -31.74
CA GLU C 136 7.91 -23.96 -32.39
C GLU C 136 8.01 -22.46 -32.12
N ASP C 137 7.09 -21.66 -32.65
CA ASP C 137 6.87 -20.30 -32.20
C ASP C 137 5.68 -20.32 -31.27
N VAL C 138 5.90 -20.01 -29.99
CA VAL C 138 4.84 -19.99 -28.98
C VAL C 138 4.01 -18.72 -29.13
N ASN C 139 4.12 -18.07 -30.29
CA ASN C 139 3.39 -16.84 -30.58
C ASN C 139 1.87 -17.01 -30.64
N HIS C 140 1.36 -18.23 -30.85
CA HIS C 140 -0.10 -18.33 -30.96
C HIS C 140 -0.76 -18.21 -29.59
N ILE C 141 -0.18 -18.85 -28.57
CA ILE C 141 -0.72 -18.72 -27.22
C ILE C 141 -0.51 -17.30 -26.69
N LYS C 142 0.53 -16.62 -27.15
CA LYS C 142 0.76 -15.23 -26.76
C LYS C 142 -0.35 -14.31 -27.27
N ARG C 143 -0.81 -14.53 -28.50
CA ARG C 143 -1.86 -13.67 -29.04
C ARG C 143 -3.13 -13.80 -28.20
N ILE C 144 -3.42 -15.00 -27.68
CA ILE C 144 -4.59 -15.17 -26.83
C ILE C 144 -4.37 -14.48 -25.49
N VAL C 145 -3.19 -14.66 -24.89
CA VAL C 145 -2.99 -14.08 -23.55
C VAL C 145 -3.09 -12.57 -23.62
N GLU C 146 -2.44 -11.95 -24.61
CA GLU C 146 -2.51 -10.50 -24.76
C GLU C 146 -3.89 -10.04 -25.15
N TYR C 147 -4.64 -10.87 -25.87
CA TYR C 147 -6.01 -10.48 -26.19
C TYR C 147 -6.88 -10.46 -24.94
N TYR C 148 -6.85 -11.53 -24.14
CA TYR C 148 -7.63 -11.56 -22.91
C TYR C 148 -7.25 -10.43 -21.96
N LYS C 149 -5.95 -10.15 -21.85
CA LYS C 149 -5.51 -9.03 -21.04
C LYS C 149 -6.13 -7.73 -21.52
N SER C 150 -6.21 -7.54 -22.86
CA SER C 150 -6.74 -6.28 -23.36
C SER C 150 -8.22 -6.09 -23.02
N LEU C 151 -8.97 -7.19 -22.84
CA LEU C 151 -10.36 -7.11 -22.42
C LEU C 151 -10.51 -6.92 -20.91
N GLY C 152 -9.43 -7.06 -20.13
CA GLY C 152 -9.46 -6.84 -18.70
C GLY C 152 -9.39 -8.09 -17.84
N PHE C 153 -9.39 -9.28 -18.45
CA PHE C 153 -9.26 -10.52 -17.69
C PHE C 153 -7.89 -10.61 -17.01
N GLN C 154 -7.83 -11.32 -15.89
CA GLN C 154 -6.53 -11.77 -15.37
C GLN C 154 -6.05 -13.00 -16.12
N THR C 155 -4.74 -13.17 -16.18
CA THR C 155 -4.16 -14.33 -16.86
C THR C 155 -3.09 -14.95 -15.97
N ALA C 156 -2.96 -16.27 -16.08
CA ALA C 156 -1.96 -17.01 -15.34
C ALA C 156 -1.32 -18.08 -16.23
N ILE C 157 -0.03 -18.31 -16.00
CA ILE C 157 0.62 -19.53 -16.48
C ILE C 157 0.43 -20.63 -15.42
N ASP C 158 -0.13 -21.75 -15.84
CA ASP C 158 -0.40 -22.90 -15.00
C ASP C 158 0.71 -23.95 -15.18
N ASP C 159 0.91 -24.76 -14.13
CA ASP C 159 1.82 -25.91 -14.16
C ASP C 159 3.24 -25.49 -14.49
N PHE C 160 3.65 -24.31 -14.05
CA PHE C 160 4.97 -23.83 -14.40
C PHE C 160 6.03 -24.76 -13.81
N GLY C 161 6.89 -25.27 -14.69
CA GLY C 161 7.91 -26.22 -14.30
C GLY C 161 7.48 -27.67 -14.42
N SER C 162 6.42 -27.95 -15.15
CA SER C 162 6.04 -29.29 -15.57
C SER C 162 6.21 -29.32 -17.07
N GLY C 163 6.72 -30.44 -17.59
CA GLY C 163 7.10 -30.59 -18.99
C GLY C 163 6.73 -29.52 -20.00
N TYR C 164 5.49 -29.05 -20.00
CA TYR C 164 4.97 -28.20 -21.08
C TYR C 164 5.11 -26.71 -20.76
N SER C 165 4.62 -26.28 -19.60
CA SER C 165 4.68 -24.86 -19.24
C SER C 165 6.07 -24.54 -18.70
N GLY C 166 6.82 -23.72 -19.40
CA GLY C 166 8.14 -23.42 -18.91
C GLY C 166 8.63 -22.05 -19.29
N LEU C 167 9.95 -21.90 -19.24
CA LEU C 167 10.61 -20.63 -19.46
C LEU C 167 10.33 -20.07 -20.86
N ASN C 168 10.13 -20.94 -21.86
CA ASN C 168 9.80 -20.46 -23.20
C ASN C 168 8.50 -19.64 -23.22
N LEU C 169 7.55 -19.95 -22.35
CA LEU C 169 6.34 -19.13 -22.30
C LEU C 169 6.68 -17.74 -21.77
N LEU C 170 7.44 -17.69 -20.67
CA LEU C 170 7.79 -16.42 -20.07
C LEU C 170 8.67 -15.54 -20.97
N ALA C 171 9.46 -16.13 -21.88
CA ALA C 171 10.43 -15.31 -22.63
C ALA C 171 9.74 -14.32 -23.54
N ASP C 172 8.65 -14.73 -24.17
CA ASP C 172 7.94 -13.87 -25.11
C ASP C 172 6.68 -13.19 -24.56
N PHE C 173 6.15 -13.59 -23.40
CA PHE C 173 5.03 -12.85 -22.83
C PHE C 173 4.90 -13.12 -21.33
N GLN C 174 4.28 -12.20 -20.64
CA GLN C 174 4.09 -12.27 -19.21
C GLN C 174 2.65 -12.14 -18.80
N THR C 175 2.22 -13.04 -17.96
CA THR C 175 0.88 -13.03 -17.42
C THR C 175 0.93 -12.29 -16.10
N ASN C 176 -0.25 -12.08 -15.51
CA ASN C 176 -0.32 -11.50 -14.18
C ASN C 176 0.30 -12.42 -13.15
N ILE C 177 0.06 -13.71 -13.28
CA ILE C 177 0.40 -14.69 -12.28
C ILE C 177 1.04 -15.88 -12.97
N VAL C 178 1.94 -16.55 -12.24
CA VAL C 178 2.49 -17.83 -12.63
C VAL C 178 2.20 -18.79 -11.48
N LYS C 179 1.50 -19.87 -11.78
CA LYS C 179 1.22 -20.93 -10.81
C LYS C 179 2.35 -21.93 -10.93
N VAL C 180 3.18 -22.01 -9.90
CA VAL C 180 4.29 -22.95 -9.88
C VAL C 180 3.77 -24.36 -9.65
N ASP C 181 4.19 -25.27 -10.53
CA ASP C 181 3.75 -26.66 -10.48
C ASP C 181 4.04 -27.28 -9.11
N MET C 182 3.10 -28.10 -8.63
CA MET C 182 3.23 -28.68 -7.29
C MET C 182 4.36 -29.70 -7.20
N GLY C 183 4.80 -30.27 -8.32
CA GLY C 183 5.98 -31.13 -8.27
C GLY C 183 7.19 -30.40 -7.72
N LEU C 184 7.30 -29.12 -8.05
CA LEU C 184 8.39 -28.29 -7.58
C LEU C 184 8.19 -27.87 -6.13
N ILE C 185 6.97 -27.97 -5.65
CA ILE C 185 6.65 -27.52 -4.31
C ILE C 185 6.79 -28.66 -3.33
N ARG C 186 6.51 -29.87 -3.76
CA ARG C 186 6.44 -31.01 -2.86
C ARG C 186 7.72 -31.15 -2.06
N ASN C 187 7.57 -31.08 -0.73
CA ASN C 187 8.63 -31.27 0.24
C ASN C 187 9.71 -30.19 0.14
N ILE C 188 9.37 -29.01 -0.39
CA ILE C 188 10.41 -27.99 -0.62
C ILE C 188 11.09 -27.56 0.69
N HIS C 189 10.44 -27.77 1.84
CA HIS C 189 11.09 -27.40 3.09
C HIS C 189 12.36 -28.21 3.35
N ALA C 190 12.47 -29.43 2.80
CA ALA C 190 13.60 -30.30 3.05
C ALA C 190 14.44 -30.62 1.82
N ASP C 191 14.21 -29.93 0.70
CA ASP C 191 14.84 -30.28 -0.58
C ASP C 191 15.67 -29.11 -1.07
N GLN C 192 16.99 -29.15 -0.88
CA GLN C 192 17.82 -27.99 -1.23
C GLN C 192 17.77 -27.64 -2.72
N VAL C 193 17.54 -28.62 -3.60
CA VAL C 193 17.42 -28.31 -5.03
C VAL C 193 16.13 -27.55 -5.32
N ARG C 194 15.00 -28.08 -4.85
CA ARG C 194 13.73 -27.38 -5.00
C ARG C 194 13.80 -26.00 -4.34
N GLN C 195 14.52 -25.90 -3.23
CA GLN C 195 14.73 -24.60 -2.61
C GLN C 195 15.48 -23.69 -3.54
N SER C 196 16.53 -24.21 -4.17
CA SER C 196 17.30 -23.37 -5.07
C SER C 196 16.49 -23.01 -6.30
N ILE C 197 15.72 -23.96 -6.83
CA ILE C 197 14.85 -23.65 -7.97
C ILE C 197 13.86 -22.54 -7.63
N MET C 198 13.13 -22.67 -6.51
CA MET C 198 12.09 -21.69 -6.19
C MET C 198 12.69 -20.31 -5.93
N LYS C 199 13.77 -20.28 -5.17
CA LYS C 199 14.41 -19.01 -4.86
C LYS C 199 14.77 -18.24 -6.12
N ASN C 200 15.39 -18.92 -7.09
CA ASN C 200 15.83 -18.22 -8.29
C ASN C 200 14.66 -17.93 -9.21
N CYS C 201 13.62 -18.76 -9.19
CA CYS C 201 12.43 -18.42 -9.98
C CYS C 201 11.70 -17.24 -9.35
N LEU C 202 11.63 -17.19 -8.02
CA LEU C 202 11.00 -16.03 -7.39
C LEU C 202 11.71 -14.75 -7.79
N LYS C 203 13.04 -14.79 -7.87
CA LYS C 203 13.77 -13.60 -8.31
C LYS C 203 13.43 -13.27 -9.76
N LEU C 204 13.30 -14.28 -10.62
CA LEU C 204 12.88 -14.04 -11.99
C LEU C 204 11.47 -13.42 -12.03
N PHE C 205 10.53 -14.04 -11.30
CA PHE C 205 9.16 -13.54 -11.26
C PHE C 205 9.10 -12.09 -10.80
N SER C 206 9.89 -11.74 -9.78
CA SER C 206 9.96 -10.36 -9.32
C SER C 206 10.50 -9.43 -10.40
N ASP C 207 11.55 -9.87 -11.12
CA ASP C 207 12.15 -9.05 -12.18
C ASP C 207 11.17 -8.76 -13.29
N LEU C 208 10.28 -9.70 -13.61
CA LEU C 208 9.29 -9.57 -14.66
C LEU C 208 7.94 -9.06 -14.15
N ASN C 209 7.90 -8.58 -12.91
CA ASN C 209 6.67 -8.19 -12.22
C ASN C 209 5.55 -9.20 -12.46
N ILE C 210 5.84 -10.46 -12.16
CA ILE C 210 4.84 -11.51 -12.21
C ILE C 210 4.60 -11.91 -10.77
N GLN C 211 3.33 -12.08 -10.40
CA GLN C 211 3.02 -12.52 -9.05
C GLN C 211 3.04 -14.05 -8.97
N PRO C 212 3.81 -14.64 -8.06
CA PRO C 212 3.83 -16.10 -7.95
C PRO C 212 2.67 -16.68 -7.14
N LEU C 213 2.32 -17.92 -7.47
CA LEU C 213 1.32 -18.71 -6.75
C LEU C 213 1.86 -20.12 -6.60
N ALA C 214 1.99 -20.60 -5.40
CA ALA C 214 2.42 -21.93 -5.15
C ALA C 214 1.28 -22.92 -5.05
N GLU C 215 1.24 -23.84 -6.01
CA GLU C 215 0.19 -24.85 -6.08
C GLU C 215 0.53 -26.16 -5.39
N GLY C 216 -0.53 -26.85 -4.98
CA GLY C 216 -0.45 -28.11 -4.33
C GLY C 216 0.13 -28.16 -2.97
N VAL C 217 0.02 -27.14 -2.16
CA VAL C 217 0.54 -27.17 -0.83
C VAL C 217 -0.21 -28.22 -0.01
N GLU C 218 0.53 -29.12 0.59
CA GLU C 218 -0.11 -30.20 1.31
C GLU C 218 0.19 -30.21 2.78
N SER C 219 1.25 -29.55 3.22
CA SER C 219 1.63 -29.63 4.61
C SER C 219 1.94 -28.23 5.11
N HIS C 220 1.81 -28.07 6.43
CA HIS C 220 2.26 -26.84 7.07
C HIS C 220 3.72 -26.53 6.75
N ALA C 221 4.57 -27.57 6.78
CA ALA C 221 6.00 -27.38 6.54
C ALA C 221 6.26 -26.74 5.18
N GLU C 222 5.58 -27.22 4.14
CA GLU C 222 5.67 -26.56 2.83
C GLU C 222 5.15 -25.12 2.92
N PHE C 223 3.99 -24.92 3.54
CA PHE C 223 3.45 -23.57 3.63
C PHE C 223 4.41 -22.65 4.33
N ALA C 224 4.97 -23.09 5.46
CA ALA C 224 5.82 -22.21 6.24
C ALA C 224 7.09 -21.82 5.47
N TRP C 225 7.65 -22.75 4.68
CA TRP C 225 8.84 -22.41 3.90
C TRP C 225 8.52 -21.46 2.76
N LEU C 226 7.44 -21.72 2.02
CA LEU C 226 7.07 -20.87 0.89
C LEU C 226 6.80 -19.44 1.34
N LYS C 227 6.13 -19.28 2.48
CA LYS C 227 5.77 -17.95 2.98
C LYS C 227 7.01 -17.17 3.38
N ALA C 228 7.91 -17.81 4.07
CA ALA C 228 9.14 -17.19 4.39
C ALA C 228 9.91 -16.76 3.11
N ALA C 229 9.80 -17.54 2.06
CA ALA C 229 10.52 -17.22 0.82
C ALA C 229 9.88 -16.08 0.05
N GLY C 230 8.70 -15.61 0.44
CA GLY C 230 8.08 -14.48 -0.22
C GLY C 230 6.83 -14.79 -1.01
N VAL C 231 6.37 -16.02 -1.06
CA VAL C 231 5.15 -16.35 -1.80
C VAL C 231 3.94 -15.90 -0.98
N GLU C 232 3.00 -15.25 -1.66
CA GLU C 232 1.77 -14.77 -1.02
C GLU C 232 0.60 -15.69 -1.35
N LEU C 233 0.32 -15.85 -2.65
CA LEU C 233 -0.78 -16.71 -3.09
C LEU C 233 -0.40 -18.19 -3.00
N MET C 234 -1.25 -18.96 -2.36
CA MET C 234 -1.07 -20.40 -2.22
C MET C 234 -2.40 -21.11 -2.41
N GLN C 235 -2.28 -22.39 -2.78
CA GLN C 235 -3.40 -23.28 -3.06
C GLN C 235 -2.98 -24.70 -2.69
N GLY C 236 -3.92 -25.49 -2.19
CA GLY C 236 -3.65 -26.89 -1.95
C GLY C 236 -4.46 -27.47 -0.83
N TYR C 237 -4.34 -28.81 -0.70
CA TYR C 237 -5.14 -29.54 0.29
C TYR C 237 -4.87 -29.07 1.70
N TYR C 238 -3.66 -28.57 1.97
CA TYR C 238 -3.40 -27.99 3.28
C TYR C 238 -4.48 -26.95 3.63
N PHE C 239 -4.87 -26.13 2.65
CA PHE C 239 -5.88 -25.09 2.86
C PHE C 239 -7.30 -25.59 2.67
N ALA C 240 -7.54 -26.35 1.61
CA ALA C 240 -8.84 -26.95 1.35
C ALA C 240 -8.76 -27.79 0.08
N LYS C 241 -9.26 -29.01 0.16
CA LYS C 241 -9.61 -29.76 -1.03
C LYS C 241 -10.69 -29.00 -1.80
N PRO C 242 -10.90 -29.33 -3.07
CA PRO C 242 -11.99 -28.68 -3.82
C PRO C 242 -13.34 -29.11 -3.29
N GLY C 243 -14.30 -28.18 -3.39
CA GLY C 243 -15.64 -28.43 -2.93
C GLY C 243 -16.60 -28.58 -4.08
N PHE C 244 -17.25 -29.74 -4.17
CA PHE C 244 -18.27 -29.99 -5.17
C PHE C 244 -19.40 -28.98 -5.06
N GLU C 245 -19.56 -28.18 -6.12
CA GLU C 245 -20.62 -27.19 -6.21
C GLU C 245 -20.68 -26.31 -4.96
N SER C 246 -19.52 -26.07 -4.35
CA SER C 246 -19.49 -25.32 -3.11
C SER C 246 -18.19 -24.54 -3.08
N LEU C 247 -18.16 -23.52 -2.22
CA LEU C 247 -16.98 -22.71 -1.99
C LEU C 247 -16.43 -23.14 -0.64
N PRO C 248 -15.44 -24.02 -0.60
CA PRO C 248 -14.93 -24.50 0.69
C PRO C 248 -14.42 -23.36 1.57
N SER C 249 -14.36 -23.66 2.84
CA SER C 249 -13.79 -22.78 3.84
C SER C 249 -12.34 -23.22 4.04
N VAL C 250 -11.57 -22.37 4.66
CA VAL C 250 -10.12 -22.55 4.73
C VAL C 250 -9.74 -23.13 6.09
N ASN C 251 -8.73 -24.03 6.07
CA ASN C 251 -8.14 -24.66 7.25
C ASN C 251 -8.01 -23.65 8.38
N PRO C 252 -8.63 -23.92 9.54
CA PRO C 252 -8.62 -22.93 10.62
C PRO C 252 -7.24 -22.67 11.15
N GLU C 253 -6.33 -23.65 11.04
CA GLU C 253 -4.97 -23.46 11.53
C GLU C 253 -4.31 -22.29 10.80
N PHE C 254 -4.60 -22.16 9.51
CA PHE C 254 -4.06 -21.06 8.73
C PHE C 254 -4.93 -19.79 8.87
N SER C 255 -6.25 -19.97 8.97
CA SER C 255 -7.18 -18.83 8.96
C SER C 255 -7.27 -18.10 10.29
N GLU C 256 -6.79 -18.69 11.39
CA GLU C 256 -6.84 -18.02 12.68
C GLU C 256 -5.57 -17.23 12.99
N ALA C 257 -4.42 -17.77 12.62
CA ALA C 257 -3.10 -17.27 13.03
C ALA C 257 -2.97 -15.76 13.17
CA SER D 21 53.42 6.70 15.52
C SER D 21 52.35 5.83 16.19
N LEU D 22 52.18 6.00 17.50
CA LEU D 22 51.25 5.19 18.29
C LEU D 22 51.16 5.67 19.75
N ASP D 23 49.95 5.76 20.32
CA ASP D 23 49.75 6.22 21.70
C ASP D 23 49.25 5.14 22.64
N PHE D 24 48.40 4.23 22.17
CA PHE D 24 47.90 3.11 22.96
C PHE D 24 47.86 1.90 22.04
N ASP D 25 47.80 0.70 22.60
CA ASP D 25 47.79 -0.49 21.77
C ASP D 25 46.48 -1.27 21.92
N PHE D 26 46.24 -2.10 20.92
CA PHE D 26 45.02 -2.89 20.79
C PHE D 26 45.30 -3.98 19.77
N THR D 27 44.40 -4.95 19.69
CA THR D 27 44.53 -6.03 18.70
C THR D 27 43.16 -6.29 18.09
N MET D 28 43.02 -7.41 17.39
CA MET D 28 41.83 -7.71 16.60
C MET D 28 41.17 -9.02 17.02
N ALA D 29 39.84 -9.03 16.92
CA ALA D 29 39.06 -10.27 16.93
C ALA D 29 38.51 -10.54 15.53
N PHE D 30 38.08 -11.79 15.30
CA PHE D 30 37.53 -12.18 14.01
C PHE D 30 36.23 -12.98 14.16
N GLN D 31 35.22 -12.62 13.39
CA GLN D 31 33.95 -13.32 13.44
C GLN D 31 33.61 -13.85 12.05
N PRO D 32 33.37 -15.14 11.90
CA PRO D 32 33.14 -15.68 10.56
C PRO D 32 31.80 -15.24 9.97
N ILE D 33 31.81 -15.03 8.67
CA ILE D 33 30.61 -14.87 7.87
C ILE D 33 30.42 -16.18 7.13
N VAL D 34 29.23 -16.76 7.24
CA VAL D 34 28.97 -18.09 6.69
C VAL D 34 28.05 -17.94 5.48
N ASN D 35 28.32 -18.78 4.48
CA ASN D 35 27.41 -18.95 3.36
C ASN D 35 26.55 -20.14 3.73
N CYS D 36 25.28 -19.87 4.09
CA CYS D 36 24.42 -20.90 4.65
C CYS D 36 23.93 -21.86 3.58
N ARG D 37 24.07 -21.49 2.31
CA ARG D 37 23.76 -22.43 1.24
C ARG D 37 24.81 -23.55 1.16
N THR D 38 26.07 -23.17 0.96
CA THR D 38 27.22 -24.07 0.80
C THR D 38 27.85 -24.53 2.10
N LYS D 39 27.48 -23.95 3.23
CA LYS D 39 28.06 -24.24 4.54
C LYS D 39 29.54 -23.88 4.62
N GLU D 40 30.08 -23.10 3.71
CA GLU D 40 31.48 -22.71 3.79
C GLU D 40 31.63 -21.31 4.37
N ILE D 41 32.85 -21.00 4.79
CA ILE D 41 33.17 -19.68 5.32
C ILE D 41 33.36 -18.71 4.17
N PHE D 42 32.51 -17.69 4.13
CA PHE D 42 32.69 -16.62 3.17
C PHE D 42 33.87 -15.74 3.56
N GLY D 43 34.11 -15.56 4.85
CA GLY D 43 35.11 -14.62 5.32
C GLY D 43 34.96 -14.34 6.80
N TYR D 44 35.73 -13.36 7.26
CA TYR D 44 35.72 -12.97 8.66
C TYR D 44 35.71 -11.45 8.75
N GLU D 45 34.89 -10.92 9.65
CA GLU D 45 34.92 -9.51 9.98
C GLU D 45 35.95 -9.28 11.08
N ALA D 46 36.84 -8.31 10.86
CA ALA D 46 37.78 -7.88 11.89
C ALA D 46 37.17 -6.81 12.79
N LEU D 47 37.35 -6.98 14.11
CA LEU D 47 36.76 -6.14 15.15
C LEU D 47 37.83 -5.79 16.18
N VAL D 48 37.97 -4.49 16.49
CA VAL D 48 39.05 -4.07 17.40
C VAL D 48 38.78 -4.60 18.79
N ARG D 49 39.85 -4.95 19.50
CA ARG D 49 39.80 -5.47 20.86
C ARG D 49 40.97 -4.92 21.66
N GLY D 50 40.76 -4.74 22.96
CA GLY D 50 41.86 -4.42 23.84
C GLY D 50 42.81 -5.60 23.96
N LEU D 51 44.01 -5.32 24.46
CA LEU D 51 45.02 -6.38 24.55
C LEU D 51 44.62 -7.49 25.50
N ASN D 52 43.69 -7.23 26.42
CA ASN D 52 43.14 -8.27 27.28
C ASN D 52 41.67 -8.52 26.92
N ASN D 53 41.39 -8.51 25.61
CA ASN D 53 40.06 -8.80 25.06
C ASN D 53 39.02 -7.80 25.56
N GLU D 54 39.44 -6.57 25.85
CA GLU D 54 38.48 -5.53 26.17
C GLU D 54 37.66 -5.15 24.94
N SER D 55 36.56 -4.44 25.17
CA SER D 55 35.59 -4.18 24.13
C SER D 55 36.15 -3.25 23.05
N ALA D 56 35.50 -3.30 21.88
CA ALA D 56 35.88 -2.42 20.78
C ALA D 56 35.66 -0.97 21.14
N TYR D 57 34.49 -0.65 21.71
CA TYR D 57 34.17 0.73 22.07
C TYR D 57 35.19 1.26 23.09
N SER D 58 35.56 0.43 24.06
CA SER D 58 36.61 0.80 25.00
C SER D 58 37.86 1.24 24.27
N VAL D 59 38.21 0.55 23.17
CA VAL D 59 39.38 0.94 22.38
C VAL D 59 39.09 2.21 21.59
N ILE D 60 37.95 2.24 20.89
CA ILE D 60 37.61 3.37 20.04
C ILE D 60 37.30 4.62 20.86
N SER D 61 36.76 4.45 22.06
CA SER D 61 36.51 5.61 22.90
C SER D 61 37.82 6.34 23.26
N ARG D 62 38.97 5.69 23.07
CA ARG D 62 40.27 6.34 23.24
C ARG D 62 40.68 7.10 21.98
N VAL D 63 39.94 6.95 20.90
CA VAL D 63 40.24 7.59 19.63
C VAL D 63 39.64 8.99 19.63
N ASN D 64 40.47 10.00 19.38
CA ASN D 64 39.98 11.36 19.25
C ASN D 64 40.20 11.84 17.81
N GLU D 65 40.31 13.16 17.64
CA GLU D 65 40.42 13.76 16.32
C GLU D 65 41.82 13.61 15.74
N ASP D 66 42.85 13.70 16.58
CA ASP D 66 44.23 13.45 16.15
C ASP D 66 44.52 11.96 16.01
N ASN D 67 43.61 11.10 16.45
CA ASN D 67 43.75 9.66 16.34
C ASN D 67 43.16 9.11 15.05
N ARG D 68 42.18 9.82 14.47
CA ARG D 68 41.38 9.28 13.38
C ARG D 68 42.25 8.60 12.32
N TYR D 69 43.23 9.33 11.77
CA TYR D 69 44.07 8.78 10.72
C TYR D 69 44.89 7.60 11.22
N LEU D 70 45.71 7.82 12.25
CA LEU D 70 46.67 6.79 12.67
C LEU D 70 45.97 5.56 13.20
N PHE D 71 44.87 5.74 13.93
CA PHE D 71 44.13 4.58 14.43
C PHE D 71 43.53 3.78 13.27
N ASP D 72 43.02 4.48 12.25
CA ASP D 72 42.47 3.84 11.07
C ASP D 72 43.51 3.01 10.34
N GLN D 73 44.74 3.53 10.22
CA GLN D 73 45.80 2.78 9.57
C GLN D 73 46.21 1.55 10.37
N MET D 74 46.44 1.73 11.68
CA MET D 74 46.73 0.58 12.53
C MET D 74 45.66 -0.50 12.43
N CYS D 75 44.39 -0.07 12.36
CA CYS D 75 43.28 -0.99 12.25
C CYS D 75 43.40 -1.89 11.01
N ARG D 76 43.70 -1.28 9.86
CA ARG D 76 43.82 -2.01 8.62
C ARG D 76 45.05 -2.92 8.67
N VAL D 77 46.16 -2.40 9.17
CA VAL D 77 47.39 -3.17 9.19
C VAL D 77 47.29 -4.34 10.17
N LYS D 78 46.77 -4.07 11.38
CA LYS D 78 46.64 -5.16 12.36
C LYS D 78 45.72 -6.26 11.85
N ALA D 79 44.59 -5.89 11.26
CA ALA D 79 43.66 -6.90 10.78
C ALA D 79 44.29 -7.74 9.67
N ILE D 80 44.96 -7.07 8.72
CA ILE D 80 45.57 -7.74 7.58
C ILE D 80 46.73 -8.62 8.04
N ALA D 81 47.57 -8.10 8.93
CA ALA D 81 48.72 -8.89 9.38
C ALA D 81 48.25 -10.10 10.16
N LEU D 82 47.26 -9.92 11.04
CA LEU D 82 46.77 -11.02 11.86
C LEU D 82 45.99 -12.03 11.02
N ALA D 83 45.24 -11.55 10.03
CA ALA D 83 44.58 -12.48 9.13
C ALA D 83 45.59 -13.31 8.37
N ALA D 84 46.64 -12.66 7.86
CA ALA D 84 47.69 -13.38 7.15
C ALA D 84 48.40 -14.36 8.07
N LYS D 85 48.80 -13.88 9.25
CA LYS D 85 49.49 -14.74 10.22
C LYS D 85 48.64 -15.95 10.56
N LEU D 86 47.33 -15.78 10.61
CA LEU D 86 46.39 -16.86 10.93
C LEU D 86 46.06 -17.75 9.74
N GLY D 87 46.50 -17.40 8.54
CA GLY D 87 46.23 -18.21 7.38
C GLY D 87 44.84 -18.09 6.83
N LEU D 88 44.20 -16.92 6.95
CA LEU D 88 42.89 -16.72 6.37
C LEU D 88 43.02 -16.70 4.83
N THR D 89 42.25 -17.57 4.15
CA THR D 89 42.26 -17.66 2.69
C THR D 89 40.95 -17.21 2.05
N SER D 90 39.92 -16.87 2.85
CA SER D 90 38.72 -16.26 2.32
C SER D 90 38.81 -14.74 2.47
N LYS D 91 37.67 -14.06 2.52
CA LYS D 91 37.68 -12.60 2.52
C LYS D 91 37.93 -12.04 3.92
N LEU D 92 38.52 -10.85 3.98
CA LEU D 92 38.71 -10.09 5.21
C LEU D 92 37.91 -8.79 5.11
N SER D 93 37.00 -8.57 6.05
CA SER D 93 36.10 -7.43 6.05
C SER D 93 36.50 -6.49 7.19
N ILE D 94 36.75 -5.23 6.86
CA ILE D 94 37.30 -4.25 7.79
C ILE D 94 36.30 -3.12 7.92
N ASN D 95 36.06 -2.68 9.16
CA ASN D 95 35.16 -1.58 9.39
C ASN D 95 35.83 -0.28 9.00
N PHE D 96 35.18 0.47 8.12
CA PHE D 96 35.68 1.79 7.77
C PHE D 96 35.31 2.77 8.88
N LEU D 97 36.32 3.39 9.46
CA LEU D 97 36.11 4.40 10.48
C LEU D 97 35.33 5.56 9.89
N PRO D 98 34.12 5.87 10.39
CA PRO D 98 33.21 6.77 9.63
C PRO D 98 33.67 8.22 9.52
N ASN D 99 34.33 8.77 10.55
CA ASN D 99 34.81 10.14 10.45
C ASN D 99 36.29 10.22 10.09
N ALA D 100 36.78 9.23 9.35
CA ALA D 100 38.07 9.26 8.67
C ALA D 100 37.91 9.66 7.21
N ILE D 101 36.81 10.33 6.86
CA ILE D 101 36.47 10.70 5.49
C ILE D 101 36.85 12.16 5.24
N TYR D 102 38.15 12.44 5.26
CA TYR D 102 38.72 13.76 5.00
C TYR D 102 39.23 13.93 3.58
N VAL D 103 38.67 13.21 2.61
CA VAL D 103 39.02 13.20 1.17
C VAL D 103 40.52 13.04 0.93
N PRO D 104 41.20 12.03 1.50
CA PRO D 104 42.62 11.82 1.17
C PRO D 104 42.76 10.59 0.28
N GLU D 105 42.48 10.76 -1.02
CA GLU D 105 42.34 9.61 -1.93
C GLU D 105 43.66 8.93 -2.27
N ARG D 106 44.71 9.27 -1.53
CA ARG D 106 45.98 8.55 -1.61
C ARG D 106 46.42 7.99 -0.26
N CYS D 107 45.67 8.22 0.82
CA CYS D 107 45.99 7.56 2.08
C CYS D 107 45.66 6.08 2.07
N ILE D 108 45.01 5.59 1.01
CA ILE D 108 44.86 4.16 0.81
C ILE D 108 46.20 3.48 0.54
N ARG D 109 47.28 4.27 0.41
CA ARG D 109 48.60 3.72 0.12
C ARG D 109 49.07 2.78 1.23
N THR D 110 48.94 3.21 2.49
CA THR D 110 49.30 2.35 3.61
C THR D 110 48.60 1.00 3.50
N THR D 111 47.34 1.00 3.06
CA THR D 111 46.60 -0.27 2.96
C THR D 111 47.16 -1.17 1.87
N LEU D 112 47.38 -0.62 0.66
CA LEU D 112 47.83 -1.44 -0.46
C LEU D 112 49.18 -2.08 -0.20
N GLU D 113 50.09 -1.35 0.44
CA GLU D 113 51.39 -1.90 0.80
C GLU D 113 51.25 -2.98 1.88
N ALA D 114 50.37 -2.75 2.87
CA ALA D 114 50.16 -3.77 3.89
C ALA D 114 49.69 -5.06 3.25
N ALA D 115 48.75 -4.95 2.31
CA ALA D 115 48.30 -6.12 1.58
C ALA D 115 49.47 -6.77 0.83
N LYS D 116 50.33 -5.97 0.18
CA LYS D 116 51.45 -6.57 -0.56
C LYS D 116 52.36 -7.37 0.35
N ARG D 117 52.82 -6.78 1.45
CA ARG D 117 53.75 -7.51 2.29
C ARG D 117 53.16 -8.78 2.86
N TYR D 118 51.85 -8.85 2.99
CA TYR D 118 51.23 -10.03 3.56
C TYR D 118 50.63 -10.96 2.51
N GLN D 119 50.90 -10.71 1.22
CA GLN D 119 50.44 -11.54 0.12
C GLN D 119 48.93 -11.82 0.22
N PHE D 120 48.18 -10.76 0.54
CA PHE D 120 46.73 -10.79 0.64
C PHE D 120 46.14 -9.97 -0.50
N PRO D 121 45.53 -10.58 -1.51
CA PRO D 121 45.02 -9.79 -2.64
C PRO D 121 43.98 -8.76 -2.20
N ILE D 122 44.02 -7.58 -2.81
CA ILE D 122 43.07 -6.51 -2.45
C ILE D 122 41.63 -7.00 -2.63
N GLU D 123 41.39 -7.82 -3.65
CA GLU D 123 40.06 -8.31 -3.95
C GLU D 123 39.51 -9.22 -2.88
N ASN D 124 40.34 -9.68 -1.94
CA ASN D 124 39.86 -10.45 -0.80
C ASN D 124 39.63 -9.57 0.42
N ILE D 125 39.70 -8.24 0.27
CA ILE D 125 39.50 -7.31 1.36
C ILE D 125 38.21 -6.55 1.08
N MET D 126 37.28 -6.58 2.05
CA MET D 126 36.03 -5.85 1.96
C MET D 126 36.01 -4.75 3.02
N PHE D 127 35.56 -3.56 2.62
CA PHE D 127 35.39 -2.43 3.52
C PHE D 127 33.90 -2.20 3.78
N GLU D 128 33.56 -2.06 5.07
CA GLU D 128 32.20 -1.88 5.54
C GLU D 128 31.98 -0.41 5.90
N PHE D 129 30.98 0.21 5.27
CA PHE D 129 30.69 1.63 5.43
C PHE D 129 29.39 1.86 6.21
N THR D 130 29.45 2.76 7.19
CA THR D 130 28.25 3.25 7.84
C THR D 130 28.22 4.76 7.83
N GLU D 131 27.02 5.32 7.71
CA GLU D 131 26.79 6.73 7.91
C GLU D 131 26.83 6.95 9.42
N ALA D 132 27.57 7.86 9.99
CA ALA D 132 27.38 7.97 11.43
C ALA D 132 26.76 9.29 11.79
N GLU D 133 26.80 10.24 10.87
CA GLU D 133 26.14 11.48 11.16
C GLU D 133 25.28 12.02 10.05
N ARG D 134 24.04 12.29 10.41
CA ARG D 134 23.10 12.80 9.47
C ARG D 134 23.60 14.11 8.96
N VAL D 135 24.10 14.13 7.76
CA VAL D 135 24.47 15.39 7.15
C VAL D 135 24.57 15.12 5.68
N GLU D 136 23.54 14.42 5.14
CA GLU D 136 23.42 13.92 3.75
C GLU D 136 24.62 14.08 2.83
N ASP D 137 25.66 13.37 3.22
CA ASP D 137 26.98 13.37 2.70
C ASP D 137 27.06 12.71 1.47
N VAL D 138 26.42 11.56 1.40
CA VAL D 138 26.40 10.65 0.29
C VAL D 138 27.51 10.73 -0.75
N ASN D 139 27.54 11.80 -1.54
CA ASN D 139 28.63 12.09 -2.41
C ASN D 139 29.97 12.00 -1.67
N HIS D 140 30.03 12.30 -0.38
CA HIS D 140 31.29 12.25 0.36
C HIS D 140 31.69 10.80 0.62
N ILE D 141 30.73 10.00 1.07
CA ILE D 141 30.95 8.56 1.21
C ILE D 141 30.94 7.88 -0.15
N LYS D 142 30.16 8.40 -1.11
CA LYS D 142 30.13 7.83 -2.45
C LYS D 142 31.47 7.98 -3.17
N ARG D 143 32.14 9.13 -3.01
CA ARG D 143 33.46 9.27 -3.64
C ARG D 143 34.41 8.18 -3.14
N ILE D 144 34.32 7.86 -1.85
CA ILE D 144 35.18 6.84 -1.27
C ILE D 144 34.82 5.46 -1.77
N VAL D 145 33.52 5.14 -1.77
CA VAL D 145 33.11 3.77 -2.12
C VAL D 145 33.49 3.46 -3.57
N GLU D 146 33.23 4.40 -4.48
CA GLU D 146 33.58 4.17 -5.88
C GLU D 146 35.08 4.19 -6.10
N TYR D 147 35.82 4.99 -5.32
CA TYR D 147 37.27 4.97 -5.43
C TYR D 147 37.84 3.64 -4.92
N TYR D 148 37.39 3.19 -3.75
CA TYR D 148 37.82 1.89 -3.27
C TYR D 148 37.45 0.80 -4.27
N LYS D 149 36.27 0.92 -4.87
CA LYS D 149 35.85 -0.02 -5.91
C LYS D 149 36.83 -0.06 -7.06
N SER D 150 37.30 1.10 -7.51
CA SER D 150 38.22 1.17 -8.64
C SER D 150 39.56 0.52 -8.34
N LEU D 151 39.93 0.42 -7.07
CA LEU D 151 41.17 -0.24 -6.67
C LEU D 151 41.03 -1.76 -6.55
N GLY D 152 39.82 -2.31 -6.61
CA GLY D 152 39.64 -3.76 -6.51
C GLY D 152 39.08 -4.24 -5.19
N PHE D 153 38.92 -3.35 -4.21
CA PHE D 153 38.32 -3.73 -2.94
C PHE D 153 36.85 -4.09 -3.13
N GLN D 154 36.40 -5.03 -2.31
CA GLN D 154 34.98 -5.23 -2.08
C GLN D 154 34.44 -4.21 -1.09
N THR D 155 33.16 -3.90 -1.21
CA THR D 155 32.50 -2.92 -0.36
C THR D 155 31.19 -3.47 0.18
N ALA D 156 30.81 -2.96 1.35
CA ALA D 156 29.54 -3.30 1.98
C ALA D 156 28.94 -2.06 2.64
N ILE D 157 27.61 -1.91 2.52
CA ILE D 157 26.89 -1.02 3.43
C ILE D 157 26.63 -1.81 4.70
N ASP D 158 27.06 -1.25 5.82
CA ASP D 158 26.88 -1.86 7.12
C ASP D 158 25.68 -1.25 7.85
N ASP D 159 25.09 -2.04 8.74
CA ASP D 159 24.04 -1.57 9.63
C ASP D 159 22.87 -0.96 8.87
N PHE D 160 22.57 -1.50 7.70
CA PHE D 160 21.46 -1.00 6.90
C PHE D 160 20.16 -1.09 7.69
N GLY D 161 19.48 0.04 7.84
CA GLY D 161 18.23 0.03 8.58
C GLY D 161 18.37 0.22 10.06
N SER D 162 19.47 0.82 10.50
CA SER D 162 19.69 1.15 11.91
C SER D 162 19.51 2.63 12.16
N GLY D 163 18.58 3.24 11.45
CA GLY D 163 18.42 4.68 11.57
C GLY D 163 19.36 5.47 10.72
N TYR D 164 20.65 5.20 10.76
CA TYR D 164 21.60 6.09 10.11
C TYR D 164 21.88 5.61 8.68
N SER D 165 22.31 4.37 8.53
CA SER D 165 22.60 3.83 7.21
C SER D 165 21.27 3.37 6.62
N GLY D 166 20.87 4.00 5.51
CA GLY D 166 19.61 3.66 4.92
C GLY D 166 19.49 3.79 3.43
N LEU D 167 18.24 3.95 3.01
CA LEU D 167 17.89 4.00 1.60
C LEU D 167 18.59 5.13 0.88
N ASN D 168 18.85 6.25 1.59
CA ASN D 168 19.58 7.36 0.98
C ASN D 168 20.97 6.93 0.49
N LEU D 169 21.60 5.97 1.16
CA LEU D 169 22.89 5.51 0.66
C LEU D 169 22.70 4.71 -0.62
N LEU D 170 21.75 3.78 -0.62
CA LEU D 170 21.49 2.92 -1.77
C LEU D 170 21.02 3.69 -2.99
N ALA D 171 20.44 4.90 -2.83
CA ALA D 171 19.91 5.62 -4.00
C ALA D 171 21.04 6.14 -4.90
N ASP D 172 22.17 6.57 -4.31
CA ASP D 172 23.25 7.19 -5.07
C ASP D 172 24.43 6.27 -5.38
N PHE D 173 24.58 5.15 -4.68
CA PHE D 173 25.63 4.20 -5.03
C PHE D 173 25.22 2.86 -4.44
N GLN D 174 25.77 1.81 -5.04
CA GLN D 174 25.50 0.45 -4.63
C GLN D 174 26.82 -0.26 -4.32
N THR D 175 26.85 -0.96 -3.21
CA THR D 175 27.99 -1.75 -2.80
C THR D 175 27.83 -3.21 -3.26
N ASN D 176 28.88 -4.01 -3.07
CA ASN D 176 28.73 -5.43 -3.35
C ASN D 176 27.75 -6.07 -2.38
N ILE D 177 27.77 -5.66 -1.13
CA ILE D 177 27.00 -6.30 -0.07
C ILE D 177 26.29 -5.25 0.78
N VAL D 178 25.15 -5.64 1.35
CA VAL D 178 24.44 -4.86 2.35
C VAL D 178 24.27 -5.73 3.57
N LYS D 179 24.85 -5.31 4.67
CA LYS D 179 24.70 -6.02 5.93
C LYS D 179 23.47 -5.44 6.63
N VAL D 180 22.40 -6.24 6.73
CA VAL D 180 21.18 -5.79 7.37
C VAL D 180 21.41 -5.73 8.87
N ASP D 181 21.14 -4.56 9.46
CA ASP D 181 21.32 -4.37 10.90
C ASP D 181 20.55 -5.44 11.66
N MET D 182 21.14 -5.87 12.78
CA MET D 182 20.58 -7.01 13.48
C MET D 182 19.27 -6.67 14.20
N GLY D 183 19.03 -5.38 14.51
CA GLY D 183 17.74 -4.98 15.05
C GLY D 183 16.57 -5.36 14.16
N LEU D 184 16.79 -5.39 12.84
CA LEU D 184 15.80 -5.81 11.86
C LEU D 184 15.62 -7.31 11.79
N ILE D 185 16.62 -8.07 12.22
CA ILE D 185 16.61 -9.52 12.17
C ILE D 185 16.06 -10.15 13.44
N ARG D 186 16.21 -9.45 14.58
CA ARG D 186 15.92 -10.06 15.87
C ARG D 186 14.50 -10.61 15.90
N ASN D 187 14.38 -11.92 16.13
CA ASN D 187 13.10 -12.58 16.27
C ASN D 187 12.27 -12.49 15.01
N ILE D 188 12.94 -12.43 13.84
CA ILE D 188 12.19 -12.20 12.60
C ILE D 188 11.19 -13.32 12.33
N HIS D 189 11.45 -14.53 12.86
CA HIS D 189 10.53 -15.63 12.64
C HIS D 189 9.15 -15.36 13.25
N ALA D 190 9.05 -14.50 14.27
CA ALA D 190 7.78 -14.25 14.95
C ALA D 190 7.22 -12.87 14.72
N ASP D 191 7.86 -12.06 13.89
CA ASP D 191 7.55 -10.64 13.80
C ASP D 191 7.14 -10.30 12.38
N GLN D 192 5.82 -10.27 12.11
CA GLN D 192 5.35 -10.09 10.75
C GLN D 192 5.76 -8.74 10.15
N VAL D 193 5.94 -7.73 10.99
CA VAL D 193 6.43 -6.45 10.49
C VAL D 193 7.86 -6.58 9.98
N ARG D 194 8.75 -7.11 10.81
CA ARG D 194 10.11 -7.39 10.36
C ARG D 194 10.10 -8.33 9.15
N GLN D 195 9.16 -9.28 9.12
CA GLN D 195 9.06 -10.17 7.97
C GLN D 195 8.79 -9.40 6.68
N SER D 196 7.88 -8.39 6.75
CA SER D 196 7.58 -7.61 5.55
C SER D 196 8.73 -6.73 5.14
N ILE D 197 9.39 -6.09 6.11
CA ILE D 197 10.56 -5.28 5.79
C ILE D 197 11.60 -6.10 5.02
N MET D 198 11.96 -7.28 5.55
CA MET D 198 13.03 -8.08 4.94
C MET D 198 12.68 -8.53 3.53
N LYS D 199 11.46 -9.07 3.35
CA LYS D 199 11.03 -9.53 2.04
C LYS D 199 11.13 -8.44 1.01
N ASN D 200 10.67 -7.24 1.35
CA ASN D 200 10.70 -6.18 0.34
C ASN D 200 12.09 -5.61 0.18
N CYS D 201 12.92 -5.67 1.23
CA CYS D 201 14.32 -5.26 1.06
C CYS D 201 15.11 -6.28 0.23
N LEU D 202 14.86 -7.59 0.43
CA LEU D 202 15.53 -8.59 -0.42
C LEU D 202 15.18 -8.41 -1.88
N LYS D 203 13.90 -8.15 -2.19
CA LYS D 203 13.53 -7.90 -3.58
C LYS D 203 14.21 -6.64 -4.09
N LEU D 204 14.35 -5.64 -3.23
CA LEU D 204 15.09 -4.44 -3.59
C LEU D 204 16.55 -4.78 -3.86
N PHE D 205 17.18 -5.53 -2.95
CA PHE D 205 18.60 -5.89 -3.12
C PHE D 205 18.79 -6.66 -4.42
N SER D 206 17.91 -7.63 -4.67
CA SER D 206 18.01 -8.40 -5.91
C SER D 206 17.84 -7.50 -7.13
N ASP D 207 16.92 -6.53 -7.05
CA ASP D 207 16.73 -5.58 -8.17
C ASP D 207 18.00 -4.78 -8.40
N LEU D 208 18.71 -4.45 -7.34
CA LEU D 208 19.94 -3.69 -7.48
C LEU D 208 21.18 -4.59 -7.61
N ASN D 209 20.98 -5.90 -7.79
CA ASN D 209 22.00 -6.96 -7.78
C ASN D 209 23.05 -6.76 -6.68
N ILE D 210 22.55 -6.63 -5.46
CA ILE D 210 23.37 -6.49 -4.26
C ILE D 210 23.20 -7.74 -3.42
N GLN D 211 24.31 -8.24 -2.90
CA GLN D 211 24.23 -9.46 -2.11
C GLN D 211 23.83 -9.15 -0.67
N PRO D 212 22.80 -9.79 -0.12
CA PRO D 212 22.45 -9.54 1.28
C PRO D 212 23.30 -10.34 2.24
N LEU D 213 23.42 -9.79 3.45
CA LEU D 213 24.07 -10.46 4.58
C LEU D 213 23.24 -10.18 5.84
N ALA D 214 22.73 -11.23 6.49
CA ALA D 214 21.99 -11.08 7.73
C ALA D 214 22.96 -11.10 8.90
N GLU D 215 22.96 -10.02 9.65
CA GLU D 215 23.89 -9.83 10.77
C GLU D 215 23.19 -10.10 12.10
N GLY D 216 23.97 -10.47 13.10
CA GLY D 216 23.43 -10.64 14.45
C GLY D 216 22.49 -11.81 14.64
N VAL D 217 22.64 -12.89 13.85
CA VAL D 217 21.77 -14.06 13.97
C VAL D 217 22.08 -14.80 15.26
N GLU D 218 21.04 -15.02 16.08
CA GLU D 218 21.26 -15.58 17.41
C GLU D 218 20.60 -16.92 17.67
N SER D 219 19.60 -17.31 16.89
CA SER D 219 18.90 -18.56 17.16
C SER D 219 18.70 -19.32 15.87
N HIS D 220 18.54 -20.65 16.01
CA HIS D 220 18.14 -21.44 14.85
C HIS D 220 16.89 -20.86 14.16
N ALA D 221 15.91 -20.41 14.94
CA ALA D 221 14.65 -19.91 14.37
C ALA D 221 14.87 -18.73 13.42
N GLU D 222 15.71 -17.76 13.80
CA GLU D 222 16.08 -16.66 12.89
C GLU D 222 16.78 -17.18 11.64
N PHE D 223 17.84 -17.97 11.83
CA PHE D 223 18.59 -18.47 10.69
C PHE D 223 17.69 -19.23 9.73
N ALA D 224 16.84 -20.10 10.25
CA ALA D 224 15.97 -20.89 9.40
C ALA D 224 15.00 -20.00 8.65
N TRP D 225 14.53 -18.93 9.27
CA TRP D 225 13.64 -18.01 8.56
C TRP D 225 14.42 -17.23 7.51
N LEU D 226 15.59 -16.71 7.90
CA LEU D 226 16.40 -15.96 6.93
C LEU D 226 16.82 -16.82 5.76
N LYS D 227 17.13 -18.09 5.99
CA LYS D 227 17.58 -18.91 4.87
C LYS D 227 16.46 -19.17 3.86
N ALA D 228 15.26 -19.52 4.33
CA ALA D 228 14.13 -19.69 3.44
C ALA D 228 13.80 -18.43 2.67
N ALA D 229 14.06 -17.25 3.26
CA ALA D 229 13.76 -16.01 2.57
C ALA D 229 14.75 -15.69 1.50
N GLY D 230 15.86 -16.44 1.42
CA GLY D 230 16.83 -16.24 0.37
C GLY D 230 18.16 -15.67 0.81
N VAL D 231 18.36 -15.41 2.10
CA VAL D 231 19.65 -14.92 2.54
C VAL D 231 20.66 -16.05 2.55
N GLU D 232 21.83 -15.83 1.96
CA GLU D 232 22.90 -16.82 2.05
C GLU D 232 23.98 -16.39 3.04
N LEU D 233 24.56 -15.20 2.89
CA LEU D 233 25.57 -14.79 3.85
C LEU D 233 24.92 -14.41 5.16
N MET D 234 25.40 -15.01 6.26
CA MET D 234 24.91 -14.71 7.59
C MET D 234 26.08 -14.61 8.56
N GLN D 235 25.81 -13.93 9.66
CA GLN D 235 26.81 -13.63 10.67
C GLN D 235 26.09 -13.55 12.01
N GLY D 236 26.75 -13.96 13.08
CA GLY D 236 26.19 -13.80 14.40
C GLY D 236 26.63 -14.90 15.35
N TYR D 237 26.26 -14.71 16.62
CA TYR D 237 26.63 -15.63 17.68
C TYR D 237 26.11 -17.04 17.44
N TYR D 238 24.99 -17.17 16.72
CA TYR D 238 24.48 -18.50 16.42
C TYR D 238 25.54 -19.35 15.72
N PHE D 239 26.32 -18.74 14.83
CA PHE D 239 27.40 -19.44 14.15
C PHE D 239 28.69 -19.42 14.94
N ALA D 240 29.03 -18.27 15.53
CA ALA D 240 30.24 -18.14 16.34
C ALA D 240 30.41 -16.73 16.87
N LYS D 241 30.74 -16.61 18.14
CA LYS D 241 31.21 -15.34 18.67
C LYS D 241 32.50 -14.93 17.98
N PRO D 242 32.92 -13.67 18.11
CA PRO D 242 34.23 -13.29 17.58
C PRO D 242 35.31 -14.00 18.37
N GLY D 243 36.41 -14.31 17.68
CA GLY D 243 37.54 -14.95 18.32
C GLY D 243 38.74 -14.05 18.48
N PHE D 244 39.14 -13.80 19.73
CA PHE D 244 40.30 -12.96 20.01
C PHE D 244 41.54 -13.51 19.31
N GLU D 245 42.06 -12.73 18.34
CA GLU D 245 43.28 -13.09 17.62
C GLU D 245 43.22 -14.52 17.07
N SER D 246 42.03 -14.92 16.66
CA SER D 246 41.80 -16.29 16.22
C SER D 246 40.76 -16.28 15.11
N LEU D 247 40.68 -17.39 14.38
CA LEU D 247 39.66 -17.59 13.35
C LEU D 247 38.70 -18.66 13.84
N PRO D 248 37.59 -18.29 14.48
CA PRO D 248 36.68 -19.29 15.03
C PRO D 248 36.12 -20.24 14.00
N SER D 249 35.79 -21.44 14.47
CA SER D 249 35.08 -22.46 13.72
C SER D 249 33.58 -22.25 13.89
N VAL D 250 32.80 -22.92 13.03
CA VAL D 250 31.38 -22.67 12.95
C VAL D 250 30.60 -23.83 13.54
N ASN D 251 29.60 -23.50 14.36
CA ASN D 251 28.63 -24.42 14.96
C ASN D 251 28.13 -25.42 13.91
N PRO D 252 28.37 -26.72 14.12
CA PRO D 252 27.91 -27.72 13.14
C PRO D 252 26.41 -27.95 13.15
N GLU D 253 25.68 -27.37 14.10
CA GLU D 253 24.25 -27.65 14.20
C GLU D 253 23.50 -27.16 12.96
N PHE D 254 23.91 -26.04 12.37
CA PHE D 254 23.13 -25.55 11.25
C PHE D 254 23.50 -26.37 10.01
N SER D 255 24.78 -26.74 9.93
CA SER D 255 25.39 -27.48 8.83
C SER D 255 25.19 -28.98 9.03
N GLU D 256 23.98 -29.41 9.39
CA GLU D 256 23.72 -30.84 9.56
C GLU D 256 23.69 -31.60 8.24
N ALA D 257 23.23 -30.99 7.16
CA ALA D 257 22.98 -31.64 5.87
C ALA D 257 24.01 -32.71 5.50
C1' C2I E . 10.61 22.38 1.28
C1A C2I E . 11.79 21.90 9.95
C2 C2I E . 12.07 21.71 -2.78
C2' C2I E . 10.44 23.42 2.03
C21 C2I E . 9.54 21.99 13.81
C2A C2I E . 11.70 20.80 9.23
C3' C2I E . 10.95 22.80 3.52
C3A C2I E . 12.13 21.20 7.66
C4 C2I E . 10.43 21.79 -1.10
C4' C2I E . 10.63 21.55 3.63
C41 C2I E . 9.96 22.56 11.61
C4A C2I E . 11.95 22.41 7.67
C5 C2I E . 9.47 21.35 -1.96
C5' C2I E . 9.33 21.36 4.52
C51 C2I E . 8.83 23.36 11.59
C5A C2I E . 12.60 23.20 6.47
C6 C2I E . 9.87 21.08 -3.29
C61 C2I E . 8.06 23.44 12.78
C8 C2I E . 8.57 21.65 0.01
C81 C2I E . 9.74 23.46 9.66
N1 C2I E . 11.17 21.29 -3.64
N11 C2I E . 8.44 22.77 13.84
N3 C2I E . 11.73 21.96 -1.51
N31 C2I E . 10.29 21.91 12.73
N7 C2I E . 8.32 21.29 -1.23
N71 C2I E . 8.71 23.91 10.37
N9 C2I E . 9.83 22.01 0.09
N91 C2I E . 10.49 22.62 10.38
O11 C2I E . 9.83 25.89 5.50
O1P C2I E . 10.86 18.23 5.68
O2' C2I E . 9.11 24.07 2.15
O21 C2I E . 11.90 25.53 4.33
O2A C2I E . 10.40 20.10 9.30
O2P C2I E . 9.47 19.16 7.43
O3' C2I E . 10.27 23.56 4.51
O3A C2I E . 11.42 20.67 6.46
O4' C2I E . 10.34 21.13 2.17
O4A C2I E . 12.57 22.86 9.08
O5' C2I E . 9.20 20.06 5.08
O5A C2I E . 11.94 24.46 6.47
O6 C2I E . 8.91 20.62 -4.25
O61 C2I E . 6.92 24.19 12.82
P1 C2I E . 10.30 19.53 6.18
P11 C2I E . 10.98 24.85 5.25
CA CA F . 7.47 17.79 7.63
CA CA G . 10.08 16.08 5.18
C1' C2I H . -33.40 16.69 -11.61
C1A C2I H . -36.62 8.84 -10.18
C2 C2I H . -34.07 20.93 -11.97
C2' C2I H . -33.11 15.71 -12.39
C21 C2I H . -35.51 4.82 -8.63
C2A C2I H . -36.67 9.62 -9.14
C3' C2I H . -34.18 14.58 -11.81
C3A C2I H . -36.54 11.19 -9.75
C4 C2I H . -32.79 19.03 -11.47
C4' C2I H . -34.26 14.66 -10.53
C41 C2I H . -35.20 6.76 -9.82
C4A C2I H . -35.88 11.09 -10.78
C5 C2I H . -31.73 19.78 -11.09
C5' C2I H . -33.37 13.53 -9.83
C51 C2I H . -33.94 6.30 -10.22
C5A C2I H . -36.29 12.21 -11.80
C6 C2I H . -31.89 21.17 -11.16
C61 C2I H . -33.50 5.03 -9.75
C8 C2I H . -31.20 17.68 -10.86
C81 C2I H . -34.29 8.26 -11.07
N1 C2I H . -33.06 21.66 -11.62
N11 C2I H . -34.30 4.35 -8.98
N3 C2I H . -33.95 19.62 -11.91
N31 C2I H . -35.96 5.99 -9.03
N7 C2I H . -30.75 18.92 -10.70
N71 C2I H . -33.40 7.26 -10.99
N9 C2I H . -32.42 17.75 -11.33
N91 C2I H . -35.37 7.97 -10.36
O11 C2I H . -33.14 11.46 -13.79
O1P C2I H . -34.65 11.68 -6.81
O2' C2I H . -31.78 15.13 -12.27
O21 C2I H . -34.51 13.37 -14.44
O2A C2I H . -35.61 9.38 -8.14
O2P C2I H . -35.51 13.88 -7.07
O3' C2I H . -33.59 13.33 -12.13
O3A C2I H . -36.18 12.34 -8.86
O4' C2I H . -33.76 16.10 -10.20
O4A C2I H . -36.60 9.78 -11.36
O5' C2I H . -33.64 13.47 -8.45
O5A C2I H . -35.71 11.87 -13.04
O6 C2I H . -30.82 22.02 -10.77
O61 C2I H . -32.26 4.53 -10.10
P1 C2I H . -34.95 12.67 -7.88
P11 C2I H . -34.26 12.45 -13.35
CA CA I . -32.95 11.19 -5.29
CA CA J . -34.81 14.39 -4.73
C1' C2I K . -4.92 -31.12 -7.64
C1A C2I K . -7.60 -30.29 -15.97
C2 C2I K . -2.32 -32.82 -4.74
C2' C2I K . -6.14 -31.34 -7.95
C21 C2I K . -10.07 -27.44 -18.55
C2A C2I K . -6.39 -29.83 -15.74
C3' C2I K . -6.04 -31.33 -9.61
C3A C2I K . -5.87 -30.37 -14.24
C4 C2I K . -3.76 -31.18 -5.54
C4' C2I K . -5.22 -30.40 -9.95
C41 C2I K . -9.54 -28.69 -16.68
C4A C2I K . -6.87 -30.97 -13.84
C5 C2I K . -3.62 -30.41 -4.42
C5' C2I K . -5.96 -29.06 -10.35
C51 C2I K . -10.71 -28.24 -16.08
C5A C2I K . -6.66 -32.13 -12.81
C6 C2I K . -2.76 -30.91 -3.43
C61 C2I K . -11.56 -27.35 -16.79
C8 C2I K . -5.00 -29.40 -5.78
C81 C2I K . -9.71 -29.54 -14.72
N1 C2I K . -2.15 -32.11 -3.66
N11 C2I K . -11.21 -26.98 -18.00
N3 C2I K . -3.12 -32.37 -5.69
N31 C2I K . -9.25 -28.26 -17.91
N7 C2I K . -4.41 -29.31 -4.60
N71 C2I K . -10.79 -28.78 -14.87
N9 C2I K . -4.61 -30.55 -6.34
N91 C2I K . -8.91 -29.49 -15.78
O11 C2I K . -9.80 -31.62 -10.45
O1P C2I K . -3.32 -28.57 -12.88
O2' C2I K . -7.16 -30.40 -7.49
O21 C2I K . -8.18 -33.39 -10.28
O2A C2I K . -6.26 -28.37 -15.92
O2P C2I K . -5.11 -26.99 -13.20
O3' C2I K . -7.34 -30.96 -10.03
O3A C2I K . -5.90 -29.22 -13.33
O4' C2I K . -4.36 -30.11 -8.69
O4A C2I K . -7.68 -31.51 -15.10
O5' C2I K . -5.00 -28.23 -10.98
O5A C2I K . -8.00 -32.19 -12.36
O6 C2I K . -2.52 -30.20 -2.21
O61 C2I K . -12.72 -26.88 -16.23
P1 C2I K . -4.75 -28.37 -12.60
P11 C2I K . -8.34 -32.01 -10.81
CA CA L . -5.17 -24.89 -13.29
CA CA M . -1.98 -26.67 -11.96
C1' C2I N . 28.30 -7.89 17.70
C1A C2I N . 32.63 -0.63 15.61
C2 C2I N . 24.71 -9.66 19.15
C2' C2I N . 29.49 -7.75 18.16
C21 C2I N . 36.27 0.67 13.24
C2A C2I N . 31.64 -1.06 14.87
C3' C2I N . 29.80 -6.14 17.82
C3A C2I N . 30.56 -1.78 15.92
C4 C2I N . 26.61 -9.63 17.81
C4' C2I N . 29.22 -5.84 16.70
C41 C2I N . 34.98 -0.70 14.57
C4A C2I N . 31.35 -2.29 16.72
C5 C2I N . 26.28 -10.81 17.22
C5' C2I N . 30.25 -5.77 15.50
C51 C2I N . 36.02 -1.62 14.56
C5A C2I N . 30.65 -2.79 18.03
C6 C2I N . 25.09 -11.41 17.68
C61 C2I N . 37.20 -1.33 13.85
C8 C2I N . 28.15 -10.08 16.36
C81 C2I N . 34.43 -2.42 15.73
N1 C2I N . 24.38 -10.79 18.63
N11 C2I N . 37.29 -0.19 13.20
N3 C2I N . 25.82 -9.07 18.76
N31 C2I N . 35.13 0.43 13.89
N7 C2I N . 27.27 -11.08 16.32
N71 C2I N . 35.66 -2.68 15.29
N9 C2I N . 27.75 -9.21 17.29
N91 C2I N . 34.00 -1.25 15.29
O11 C2I N . 33.59 -5.31 18.51
O1P C2I N . 28.13 -3.46 13.47
O2' C2I N . 30.49 -8.60 17.51
O21 C2I N . 31.62 -5.44 19.94
O2A C2I N . 32.13 -2.08 13.91
O2P C2I N . 30.53 -3.37 13.06
O3' C2I N . 31.20 -5.96 17.61
O3A C2I N . 29.63 -2.86 15.50
O4' C2I N . 28.22 -7.00 16.43
O4A C2I N . 32.30 -1.05 17.03
O5' C2I N . 29.55 -5.31 14.37
O5A C2I N . 31.76 -3.39 18.68
O6 C2I N . 24.62 -12.66 17.18
O61 C2I N . 38.21 -2.23 13.87
P1 C2I N . 29.42 -3.69 14.13
P11 C2I N . 32.06 -4.96 18.62
CA CA O . 30.80 -3.97 10.63
CA CA P . 27.20 -3.87 11.45
#